data_1Y0Z
#
_entry.id   1Y0Z
#
_cell.length_a   145.276
_cell.length_b   61.094
_cell.length_c   114.681
_cell.angle_alpha   90.00
_cell.angle_beta   121.68
_cell.angle_gamma   90.00
#
_symmetry.space_group_name_H-M   'C 1 2 1'
#
loop_
_entity.id
_entity.type
_entity.pdbx_description
1 polymer 'protein product of AT3G21360'
2 non-polymer 'SULFATE ION'
3 non-polymer 'FE (II) ION'
4 water water
#
_entity_poly.entity_id   1
_entity_poly.type   'polypeptide(L)'
_entity_poly.pdbx_seq_one_letter_code
;MAELLLVETPIPQQKHYESKPFPAVISPPSASIPIPALSLPLFTQTIKTQKHYLDSLLHESGAVLFRGFPVNSADDFNDV
VEAFGFDELPYVGGAAPRTSVVGRVFTANESPPDQKIPFHHEMAQVREFPSKLFFYCEIEPKCGGETPIVLSHVVYERMK
DKHPEFVQRLEEHGLLYVRVLGEDDDPSSPIGRGWKSTFLTHDKNLAEQRAVDLGMKLEWTEDGGAKTVMGPIPAIKYDE
SRNRKVWFNSMVAAYTGWEDKRNDPRKAVTFGDGKPLPADIVHDCLRILEEECVAVPWQRGDVLLIDNWAVLHSRRPFDP
PRRVLASLCK
;
_entity_poly.pdbx_strand_id   A,B
#
loop_
_chem_comp.id
_chem_comp.type
_chem_comp.name
_chem_comp.formula
FE2 non-polymer 'FE (II) ION' 'Fe 2'
SO4 non-polymer 'SULFATE ION' 'O4 S -2'
#
# COMPACT_ATOMS: atom_id res chain seq x y z
N LEU A 4 -7.98 -18.97 -27.88
CA LEU A 4 -8.02 -17.49 -28.06
C LEU A 4 -6.80 -16.99 -28.80
N LEU A 5 -7.00 -16.06 -29.73
CA LEU A 5 -5.90 -15.52 -30.50
C LEU A 5 -5.31 -14.25 -29.93
N LEU A 6 -4.00 -14.12 -30.10
CA LEU A 6 -3.31 -12.93 -29.67
C LEU A 6 -3.01 -12.22 -30.98
N VAL A 7 -3.67 -11.09 -31.20
CA VAL A 7 -3.51 -10.33 -32.43
C VAL A 7 -2.67 -9.06 -32.31
N GLU A 8 -1.66 -8.94 -33.18
CA GLU A 8 -0.79 -7.77 -33.20
C GLU A 8 -1.62 -6.63 -33.78
N THR A 9 -1.92 -5.65 -32.94
CA THR A 9 -2.75 -4.53 -33.32
C THR A 9 -1.99 -3.21 -33.40
N PRO A 10 -2.35 -2.36 -34.37
CA PRO A 10 -1.71 -1.05 -34.56
C PRO A 10 -2.41 0.01 -33.73
N ILE A 11 -1.63 0.93 -33.16
CA ILE A 11 -2.20 2.02 -32.40
C ILE A 11 -1.52 3.26 -32.95
N PRO A 12 -2.15 4.44 -32.78
CA PRO A 12 -1.62 5.72 -33.27
C PRO A 12 -0.23 6.08 -32.78
N GLN A 13 -0.02 5.95 -31.47
CA GLN A 13 1.24 6.33 -30.85
C GLN A 13 2.49 5.51 -31.15
N GLN A 14 2.34 4.25 -31.50
CA GLN A 14 3.52 3.43 -31.74
C GLN A 14 4.42 3.87 -32.88
N LYS A 15 5.71 3.56 -32.74
CA LYS A 15 6.69 3.88 -33.75
C LYS A 15 7.24 2.58 -34.31
N HIS A 16 8.15 2.69 -35.27
CA HIS A 16 8.75 1.51 -35.87
C HIS A 16 10.24 1.74 -36.05
N TYR A 17 11.02 0.73 -35.71
CA TYR A 17 12.46 0.80 -35.89
C TYR A 17 12.85 -0.49 -36.57
N GLU A 18 13.46 -0.37 -37.74
CA GLU A 18 13.86 -1.50 -38.55
C GLU A 18 12.72 -2.50 -38.63
N SER A 19 11.57 -2.00 -39.10
CA SER A 19 10.37 -2.80 -39.31
C SER A 19 9.70 -3.34 -38.04
N LYS A 20 10.24 -3.00 -36.87
CA LYS A 20 9.65 -3.48 -35.62
C LYS A 20 8.85 -2.41 -34.89
N PRO A 21 7.64 -2.74 -34.44
CA PRO A 21 6.77 -1.81 -33.73
C PRO A 21 7.26 -1.56 -32.30
N PHE A 22 7.05 -0.34 -31.82
CA PHE A 22 7.43 0.02 -30.47
C PHE A 22 6.37 0.94 -29.86
N PRO A 23 5.60 0.43 -28.89
CA PRO A 23 5.72 -0.95 -28.38
C PRO A 23 4.86 -1.87 -29.25
N ALA A 24 5.06 -3.18 -29.11
CA ALA A 24 4.24 -4.11 -29.87
C ALA A 24 2.91 -4.08 -29.11
N VAL A 25 1.80 -4.25 -29.81
CA VAL A 25 0.50 -4.23 -29.15
C VAL A 25 -0.32 -5.48 -29.46
N ILE A 26 -0.70 -6.20 -28.41
CA ILE A 26 -1.48 -7.42 -28.53
C ILE A 26 -2.89 -7.22 -27.99
N SER A 27 -3.88 -7.62 -28.78
CA SER A 27 -5.29 -7.50 -28.40
C SER A 27 -6.07 -8.75 -28.77
N PRO A 28 -7.24 -8.94 -28.16
CA PRO A 28 -8.02 -10.13 -28.52
C PRO A 28 -8.56 -9.93 -29.93
N PRO A 29 -8.84 -11.02 -30.65
CA PRO A 29 -9.36 -10.85 -32.01
C PRO A 29 -10.63 -10.00 -32.06
N PRO A 36 -15.61 -18.66 -28.02
CA PRO A 36 -15.69 -18.64 -26.55
C PRO A 36 -15.43 -17.25 -26.01
N ALA A 37 -16.39 -16.76 -25.23
CA ALA A 37 -16.33 -15.43 -24.65
C ALA A 37 -15.10 -15.24 -23.77
N LEU A 38 -14.43 -14.10 -23.94
CA LEU A 38 -13.23 -13.75 -23.18
C LEU A 38 -13.41 -13.84 -21.67
N SER A 39 -12.31 -14.16 -21.00
CA SER A 39 -12.27 -14.28 -19.55
C SER A 39 -10.80 -14.25 -19.12
N LEU A 40 -10.56 -13.93 -17.85
CA LEU A 40 -9.20 -13.85 -17.35
C LEU A 40 -8.48 -15.20 -17.47
N PRO A 41 -9.15 -16.30 -17.09
CA PRO A 41 -8.51 -17.61 -17.19
C PRO A 41 -8.16 -18.01 -18.62
N LEU A 42 -8.96 -17.56 -19.58
CA LEU A 42 -8.69 -17.87 -20.98
C LEU A 42 -7.44 -17.12 -21.43
N PHE A 43 -7.28 -15.89 -20.93
CA PHE A 43 -6.12 -15.07 -21.28
C PHE A 43 -4.84 -15.64 -20.68
N THR A 44 -4.82 -15.83 -19.37
CA THR A 44 -3.63 -16.36 -18.70
C THR A 44 -3.21 -17.69 -19.30
N GLN A 45 -4.18 -18.44 -19.81
CA GLN A 45 -3.93 -19.74 -20.42
C GLN A 45 -3.27 -19.55 -21.78
N THR A 46 -3.72 -18.54 -22.53
CA THR A 46 -3.14 -18.27 -23.84
C THR A 46 -1.69 -17.77 -23.67
N ILE A 47 -1.46 -17.03 -22.60
CA ILE A 47 -0.13 -16.51 -22.32
C ILE A 47 0.83 -17.67 -22.15
N LYS A 48 0.45 -18.65 -21.33
CA LYS A 48 1.30 -19.81 -21.11
C LYS A 48 1.48 -20.61 -22.40
N THR A 49 0.40 -20.72 -23.18
CA THR A 49 0.44 -21.45 -24.44
C THR A 49 1.31 -20.75 -25.47
N GLN A 50 1.28 -19.41 -25.47
CA GLN A 50 2.05 -18.65 -26.44
C GLN A 50 3.36 -18.10 -25.88
N LYS A 51 3.90 -18.77 -24.87
CA LYS A 51 5.14 -18.30 -24.25
C LYS A 51 6.25 -17.94 -25.24
N HIS A 52 6.57 -18.85 -26.16
CA HIS A 52 7.63 -18.57 -27.11
C HIS A 52 7.32 -17.35 -27.96
N TYR A 53 6.12 -17.31 -28.52
CA TYR A 53 5.73 -16.19 -29.35
C TYR A 53 5.90 -14.87 -28.60
N LEU A 54 5.48 -14.85 -27.34
CA LEU A 54 5.55 -13.65 -26.52
C LEU A 54 6.98 -13.28 -26.16
N ASP A 55 7.84 -14.28 -25.95
CA ASP A 55 9.24 -13.98 -25.64
C ASP A 55 9.92 -13.35 -26.85
N SER A 56 9.59 -13.83 -28.03
CA SER A 56 10.19 -13.31 -29.26
C SER A 56 9.71 -11.90 -29.55
N LEU A 57 8.46 -11.62 -29.20
CA LEU A 57 7.89 -10.29 -29.43
C LEU A 57 8.57 -9.29 -28.51
N LEU A 58 8.71 -9.64 -27.24
CA LEU A 58 9.36 -8.76 -26.27
C LEU A 58 10.83 -8.56 -26.68
N HIS A 59 11.41 -9.60 -27.26
CA HIS A 59 12.80 -9.56 -27.70
C HIS A 59 12.99 -8.62 -28.88
N GLU A 60 12.02 -8.63 -29.79
CA GLU A 60 12.11 -7.79 -30.98
C GLU A 60 11.68 -6.34 -30.73
N SER A 61 10.64 -6.14 -29.93
CA SER A 61 10.11 -4.82 -29.65
C SER A 61 10.63 -4.11 -28.41
N GLY A 62 10.90 -4.87 -27.34
CA GLY A 62 11.41 -4.27 -26.11
C GLY A 62 10.32 -3.99 -25.09
N ALA A 63 9.09 -3.83 -25.56
CA ALA A 63 7.95 -3.59 -24.69
C ALA A 63 6.72 -4.09 -25.40
N VAL A 64 5.78 -4.64 -24.63
CA VAL A 64 4.54 -5.16 -25.22
C VAL A 64 3.34 -4.70 -24.43
N LEU A 65 2.41 -4.01 -25.10
CA LEU A 65 1.20 -3.55 -24.45
C LEU A 65 0.06 -4.54 -24.75
N PHE A 66 -0.59 -5.03 -23.70
CA PHE A 66 -1.70 -5.96 -23.85
C PHE A 66 -2.98 -5.16 -23.58
N ARG A 67 -3.74 -4.90 -24.64
CA ARG A 67 -4.96 -4.11 -24.53
C ARG A 67 -6.23 -4.87 -24.93
N GLY A 68 -7.28 -4.69 -24.16
CA GLY A 68 -8.54 -5.34 -24.45
C GLY A 68 -8.84 -6.63 -23.70
N PHE A 69 -7.94 -7.01 -22.80
CA PHE A 69 -8.12 -8.23 -22.02
C PHE A 69 -8.79 -7.92 -20.68
N PRO A 70 -9.54 -8.90 -20.12
CA PRO A 70 -10.26 -8.82 -18.85
C PRO A 70 -9.47 -8.69 -17.54
N VAL A 71 -8.50 -7.78 -17.48
CA VAL A 71 -7.74 -7.61 -16.24
C VAL A 71 -8.45 -6.48 -15.50
N ASN A 72 -9.37 -6.84 -14.61
CA ASN A 72 -10.17 -5.86 -13.88
C ASN A 72 -9.82 -5.58 -12.43
N SER A 73 -8.71 -6.09 -11.94
CA SER A 73 -8.34 -5.84 -10.55
C SER A 73 -6.88 -6.18 -10.31
N ALA A 74 -6.38 -5.84 -9.12
CA ALA A 74 -5.00 -6.12 -8.75
C ALA A 74 -4.78 -7.63 -8.79
N ASP A 75 -5.77 -8.39 -8.32
CA ASP A 75 -5.70 -9.84 -8.30
C ASP A 75 -5.57 -10.40 -9.72
N ASP A 76 -6.35 -9.85 -10.66
CA ASP A 76 -6.29 -10.31 -12.03
C ASP A 76 -4.90 -10.04 -12.59
N PHE A 77 -4.40 -8.83 -12.34
CA PHE A 77 -3.08 -8.44 -12.82
C PHE A 77 -2.04 -9.41 -12.27
N ASN A 78 -2.14 -9.71 -10.98
CA ASN A 78 -1.22 -10.65 -10.36
C ASN A 78 -1.29 -12.02 -11.05
N ASP A 79 -2.50 -12.45 -11.43
CA ASP A 79 -2.63 -13.74 -12.11
C ASP A 79 -1.94 -13.67 -13.48
N VAL A 80 -2.07 -12.54 -14.16
CA VAL A 80 -1.43 -12.39 -15.46
C VAL A 80 0.09 -12.43 -15.30
N VAL A 81 0.62 -11.73 -14.29
CA VAL A 81 2.07 -11.71 -14.04
C VAL A 81 2.53 -13.15 -13.75
N GLU A 82 1.67 -13.90 -13.06
CA GLU A 82 1.93 -15.28 -12.71
C GLU A 82 1.99 -16.19 -13.93
N ALA A 83 1.16 -15.89 -14.92
CA ALA A 83 1.11 -16.69 -16.15
C ALA A 83 2.38 -16.57 -16.98
N PHE A 84 3.03 -15.41 -16.92
CA PHE A 84 4.27 -15.19 -17.67
C PHE A 84 5.39 -16.01 -17.04
N GLY A 85 5.23 -16.32 -15.75
CA GLY A 85 6.20 -17.14 -15.06
C GLY A 85 7.61 -16.63 -14.80
N PHE A 86 7.89 -15.35 -15.01
CA PHE A 86 9.23 -14.83 -14.75
C PHE A 86 9.44 -14.82 -13.25
N ASP A 87 10.67 -15.05 -12.80
CA ASP A 87 10.94 -15.06 -11.36
C ASP A 87 10.77 -13.66 -10.78
N GLU A 88 10.14 -13.58 -9.61
CA GLU A 88 9.92 -12.29 -8.98
C GLU A 88 11.23 -11.69 -8.43
N LEU A 89 11.34 -10.37 -8.48
CA LEU A 89 12.53 -9.71 -7.97
C LEU A 89 12.41 -9.57 -6.45
N PRO A 90 13.33 -10.18 -5.69
CA PRO A 90 13.23 -10.04 -4.24
C PRO A 90 13.59 -8.64 -3.79
N TYR A 91 12.75 -8.08 -2.91
CA TYR A 91 12.95 -6.72 -2.42
C TYR A 91 14.11 -6.61 -1.44
N VAL A 92 14.92 -5.58 -1.61
CA VAL A 92 16.07 -5.33 -0.76
C VAL A 92 15.89 -3.90 -0.29
N GLY A 93 16.59 -2.97 -0.94
CA GLY A 93 16.50 -1.57 -0.57
C GLY A 93 17.06 -0.71 -1.70
N GLY A 94 17.10 0.60 -1.50
CA GLY A 94 17.62 1.49 -2.52
C GLY A 94 16.51 2.00 -3.45
N ALA A 95 15.24 1.62 -3.18
CA ALA A 95 14.01 1.98 -3.94
C ALA A 95 13.13 2.96 -3.12
N ALA A 96 11.83 3.09 -3.41
CA ALA A 96 10.94 4.00 -2.66
C ALA A 96 9.84 3.29 -1.81
N PRO A 97 9.23 3.99 -0.82
CA PRO A 97 8.17 3.41 0.04
C PRO A 97 7.13 2.61 -0.72
N ARG A 98 7.38 1.31 -0.79
CA ARG A 98 6.50 0.37 -1.49
C ARG A 98 5.38 -0.22 -0.65
N THR A 99 4.24 -0.45 -1.30
CA THR A 99 3.09 -1.03 -0.62
C THR A 99 2.52 -2.20 -1.42
N SER A 100 2.72 -3.41 -0.90
CA SER A 100 2.25 -4.63 -1.54
C SER A 100 0.72 -4.68 -1.53
N VAL A 101 0.13 -5.02 -2.69
CA VAL A 101 -1.31 -5.09 -2.82
C VAL A 101 -1.72 -6.57 -2.72
N VAL A 102 -1.20 -7.37 -3.64
CA VAL A 102 -1.48 -8.79 -3.67
C VAL A 102 -0.36 -9.49 -4.44
N GLY A 103 0.10 -10.62 -3.92
CA GLY A 103 1.15 -11.37 -4.59
C GLY A 103 2.40 -10.57 -4.93
N ARG A 104 2.70 -10.51 -6.23
CA ARG A 104 3.87 -9.79 -6.73
C ARG A 104 3.51 -8.36 -7.16
N VAL A 105 2.27 -7.96 -6.93
CA VAL A 105 1.81 -6.63 -7.32
C VAL A 105 1.89 -5.61 -6.19
N PHE A 106 2.30 -4.40 -6.54
CA PHE A 106 2.41 -3.35 -5.52
C PHE A 106 2.14 -1.96 -6.05
N THR A 107 1.94 -1.04 -5.11
CA THR A 107 1.73 0.36 -5.41
C THR A 107 2.82 1.13 -4.73
N ALA A 108 3.49 1.96 -5.50
CA ALA A 108 4.55 2.78 -4.96
C ALA A 108 4.04 4.20 -5.05
N ASN A 109 4.38 5.00 -4.05
CA ASN A 109 3.95 6.38 -4.03
C ASN A 109 5.01 7.22 -4.71
N GLU A 110 4.60 7.79 -5.83
CA GLU A 110 5.42 8.64 -6.66
C GLU A 110 5.26 10.08 -6.22
N SER A 111 5.89 10.97 -6.99
CA SER A 111 5.79 12.39 -6.73
C SER A 111 4.37 12.82 -7.09
N PRO A 112 3.93 14.00 -6.61
CA PRO A 112 2.58 14.54 -6.87
C PRO A 112 2.19 14.49 -8.35
N PRO A 113 0.87 14.47 -8.63
CA PRO A 113 0.32 14.42 -10.00
C PRO A 113 0.73 15.55 -10.94
N ASP A 114 0.99 16.73 -10.39
CA ASP A 114 1.37 17.88 -11.21
C ASP A 114 2.80 17.78 -11.73
N GLN A 115 3.61 16.90 -11.15
CA GLN A 115 4.97 16.77 -11.59
C GLN A 115 5.22 15.82 -12.76
N LYS A 116 6.39 15.96 -13.35
CA LYS A 116 6.83 15.16 -14.49
C LYS A 116 7.95 14.25 -13.96
N ILE A 117 7.78 12.94 -14.05
CA ILE A 117 8.80 12.02 -13.59
C ILE A 117 9.72 11.80 -14.78
N PRO A 118 11.03 12.05 -14.60
CA PRO A 118 11.99 11.89 -15.69
C PRO A 118 12.16 10.45 -16.19
N PHE A 119 12.81 10.33 -17.33
CA PHE A 119 13.09 9.04 -17.93
C PHE A 119 14.15 8.33 -17.12
N HIS A 120 14.00 7.03 -16.98
CA HIS A 120 14.96 6.22 -16.24
C HIS A 120 14.71 4.74 -16.46
N HIS A 121 15.73 3.96 -16.13
CA HIS A 121 15.66 2.51 -16.19
C HIS A 121 15.30 2.22 -14.74
N GLU A 122 14.51 1.18 -14.52
CA GLU A 122 14.09 0.83 -13.16
C GLU A 122 15.28 0.40 -12.30
N MET A 123 15.43 1.03 -11.13
CA MET A 123 16.51 0.73 -10.19
C MET A 123 17.87 0.69 -10.89
N ALA A 124 18.11 1.68 -11.73
CA ALA A 124 19.36 1.77 -12.49
C ALA A 124 20.64 1.84 -11.66
N GLN A 125 20.57 2.38 -10.45
CA GLN A 125 21.76 2.48 -9.62
C GLN A 125 21.85 1.33 -8.60
N VAL A 126 21.09 0.27 -8.85
CA VAL A 126 21.09 -0.88 -7.96
C VAL A 126 21.83 -2.03 -8.64
N ARG A 127 22.59 -2.77 -7.86
CA ARG A 127 23.37 -3.90 -8.38
C ARG A 127 22.49 -4.95 -9.05
N GLU A 128 21.45 -5.40 -8.35
CA GLU A 128 20.54 -6.38 -8.90
C GLU A 128 19.24 -5.70 -9.31
N PHE A 129 19.25 -5.07 -10.48
CA PHE A 129 18.08 -4.37 -11.00
C PHE A 129 17.19 -5.33 -11.78
N PRO A 130 15.89 -5.02 -11.90
CA PRO A 130 14.93 -5.87 -12.62
C PRO A 130 15.24 -5.97 -14.11
N SER A 131 15.13 -7.18 -14.66
CA SER A 131 15.37 -7.34 -16.08
C SER A 131 14.09 -6.91 -16.81
N LYS A 132 12.95 -7.12 -16.15
CA LYS A 132 11.64 -6.78 -16.70
C LYS A 132 10.71 -6.21 -15.64
N LEU A 133 9.71 -5.46 -16.09
CA LEU A 133 8.71 -4.90 -15.19
C LEU A 133 7.36 -4.86 -15.89
N PHE A 134 6.32 -4.81 -15.08
CA PHE A 134 4.94 -4.79 -15.56
C PHE A 134 4.23 -3.56 -14.99
N PHE A 135 3.41 -2.92 -15.81
CA PHE A 135 2.62 -1.79 -15.37
C PHE A 135 1.18 -2.11 -15.71
N TYR A 136 0.29 -1.92 -14.74
CA TYR A 136 -1.12 -2.20 -14.94
C TYR A 136 -2.02 -1.04 -14.57
N CYS A 137 -2.90 -0.67 -15.48
CA CYS A 137 -3.83 0.43 -15.24
C CYS A 137 -5.14 -0.10 -14.69
N GLU A 138 -5.38 0.11 -13.40
CA GLU A 138 -6.62 -0.34 -12.79
C GLU A 138 -7.66 0.78 -12.86
N ILE A 139 -7.18 2.02 -12.78
CA ILE A 139 -8.04 3.21 -12.85
C ILE A 139 -7.37 4.20 -13.77
N GLU A 140 -7.92 4.38 -14.97
CA GLU A 140 -7.32 5.32 -15.91
C GLU A 140 -7.36 6.75 -15.43
N PRO A 141 -6.31 7.52 -15.76
CA PRO A 141 -6.24 8.92 -15.34
C PRO A 141 -7.34 9.77 -15.97
N LYS A 142 -7.84 10.73 -15.20
CA LYS A 142 -8.88 11.63 -15.69
C LYS A 142 -8.31 12.37 -16.89
N CYS A 143 -7.06 12.80 -16.76
CA CYS A 143 -6.38 13.52 -17.83
C CYS A 143 -4.86 13.31 -17.75
N GLY A 144 -4.22 13.14 -18.90
CA GLY A 144 -2.78 12.92 -18.95
C GLY A 144 -2.34 11.64 -18.26
N GLY A 145 -1.30 11.75 -17.44
CA GLY A 145 -0.79 10.61 -16.70
C GLY A 145 -0.30 9.39 -17.48
N GLU A 146 0.11 9.57 -18.74
CA GLU A 146 0.61 8.45 -19.51
C GLU A 146 1.95 8.01 -18.97
N THR A 147 2.42 6.86 -19.44
CA THR A 147 3.71 6.32 -19.05
C THR A 147 4.56 6.21 -20.32
N PRO A 148 5.14 7.33 -20.75
CA PRO A 148 5.99 7.41 -21.94
C PRO A 148 7.19 6.47 -21.82
N ILE A 149 7.51 5.80 -22.92
CA ILE A 149 8.62 4.86 -22.94
C ILE A 149 9.48 5.11 -24.17
N VAL A 150 10.78 4.81 -24.05
CA VAL A 150 11.70 5.04 -25.15
C VAL A 150 12.77 3.94 -25.19
N LEU A 151 13.22 3.61 -26.40
CA LEU A 151 14.24 2.59 -26.60
C LEU A 151 15.63 3.11 -26.22
N SER A 152 16.23 2.51 -25.20
CA SER A 152 17.53 2.90 -24.69
C SER A 152 18.65 2.86 -25.72
N HIS A 153 18.64 1.85 -26.60
CA HIS A 153 19.70 1.77 -27.60
C HIS A 153 19.58 2.88 -28.63
N VAL A 154 18.36 3.34 -28.89
CA VAL A 154 18.17 4.42 -29.85
C VAL A 154 18.80 5.70 -29.28
N VAL A 155 18.53 5.97 -28.01
CA VAL A 155 19.07 7.16 -27.34
C VAL A 155 20.60 7.15 -27.43
N TYR A 156 21.19 5.99 -27.18
CA TYR A 156 22.64 5.84 -27.25
C TYR A 156 23.15 6.13 -28.65
N GLU A 157 22.52 5.54 -29.65
CA GLU A 157 22.93 5.75 -31.03
C GLU A 157 22.85 7.21 -31.47
N ARG A 158 21.80 7.91 -31.04
CA ARG A 158 21.66 9.29 -31.42
C ARG A 158 22.64 10.16 -30.67
N MET A 159 22.92 9.78 -29.42
CA MET A 159 23.86 10.53 -28.61
C MET A 159 25.27 10.36 -29.17
N LYS A 160 25.64 9.14 -29.53
CA LYS A 160 26.97 8.89 -30.07
C LYS A 160 27.13 9.58 -31.43
N ASP A 161 26.03 9.70 -32.15
CA ASP A 161 26.03 10.33 -33.46
C ASP A 161 26.16 11.85 -33.37
N LYS A 162 25.43 12.45 -32.43
CA LYS A 162 25.44 13.90 -32.22
C LYS A 162 26.63 14.38 -31.42
N HIS A 163 26.99 13.64 -30.38
CA HIS A 163 28.08 14.04 -29.51
C HIS A 163 29.08 12.92 -29.26
N PRO A 164 29.82 12.51 -30.30
CA PRO A 164 30.80 11.43 -30.18
C PRO A 164 31.86 11.62 -29.08
N GLU A 165 32.38 12.83 -28.93
CA GLU A 165 33.37 13.08 -27.90
C GLU A 165 32.79 12.87 -26.50
N PHE A 166 31.60 13.42 -26.26
CA PHE A 166 30.93 13.32 -24.98
C PHE A 166 30.68 11.87 -24.61
N VAL A 167 30.16 11.09 -25.55
CA VAL A 167 29.88 9.68 -25.33
C VAL A 167 31.19 8.98 -25.02
N GLN A 168 32.21 9.29 -25.82
CA GLN A 168 33.53 8.70 -25.66
C GLN A 168 34.06 8.94 -24.26
N ARG A 169 33.86 10.16 -23.76
CA ARG A 169 34.32 10.47 -22.42
C ARG A 169 33.48 9.76 -21.37
N LEU A 170 32.19 9.57 -21.66
CA LEU A 170 31.34 8.85 -20.70
C LEU A 170 31.79 7.42 -20.48
N GLU A 171 32.14 6.71 -21.56
CA GLU A 171 32.59 5.34 -21.36
C GLU A 171 34.00 5.23 -20.75
N GLU A 172 34.74 6.33 -20.66
CA GLU A 172 36.07 6.33 -20.09
C GLU A 172 36.00 6.66 -18.61
N HIS A 173 35.26 7.71 -18.26
CA HIS A 173 35.14 8.15 -16.87
C HIS A 173 33.81 7.80 -16.18
N GLY A 174 32.80 7.48 -16.98
CA GLY A 174 31.50 7.15 -16.45
C GLY A 174 30.89 8.34 -15.73
N LEU A 175 29.99 8.04 -14.80
CA LEU A 175 29.29 9.08 -14.05
C LEU A 175 29.43 8.92 -12.55
N LEU A 176 29.16 10.00 -11.84
CA LEU A 176 29.22 10.02 -10.38
C LEU A 176 27.89 10.59 -9.90
N TYR A 177 27.30 9.96 -8.88
CA TYR A 177 26.00 10.42 -8.37
C TYR A 177 26.05 10.88 -6.92
N VAL A 178 25.43 12.02 -6.64
CA VAL A 178 25.37 12.56 -5.28
C VAL A 178 23.89 12.81 -4.96
N ARG A 179 23.43 12.26 -3.84
CA ARG A 179 22.02 12.40 -3.46
C ARG A 179 21.81 12.48 -1.95
N VAL A 180 21.34 13.64 -1.48
CA VAL A 180 21.09 13.86 -0.06
C VAL A 180 19.73 13.32 0.38
N LEU A 181 19.70 12.63 1.51
CA LEU A 181 18.45 12.08 2.00
C LEU A 181 18.04 12.58 3.37
N GLY A 182 16.73 12.71 3.57
CA GLY A 182 16.24 13.15 4.86
C GLY A 182 16.09 11.91 5.72
N GLU A 183 15.73 12.07 6.97
CA GLU A 183 15.55 10.91 7.82
C GLU A 183 14.22 10.27 7.45
N ASP A 184 13.22 11.12 7.21
CA ASP A 184 11.89 10.65 6.84
C ASP A 184 11.67 10.80 5.35
N ASP A 185 10.48 10.44 4.88
CA ASP A 185 10.16 10.52 3.46
C ASP A 185 9.35 11.78 3.16
N ASP A 186 9.82 12.58 2.20
CA ASP A 186 9.13 13.80 1.82
C ASP A 186 8.14 13.45 0.71
N PRO A 187 6.84 13.48 1.03
CA PRO A 187 5.81 13.16 0.03
C PRO A 187 5.76 14.18 -1.09
N SER A 188 6.23 15.37 -0.79
CA SER A 188 6.24 16.48 -1.75
C SER A 188 7.46 16.52 -2.68
N SER A 189 8.44 15.66 -2.44
CA SER A 189 9.64 15.68 -3.28
C SER A 189 9.70 14.62 -4.38
N PRO A 190 10.38 14.94 -5.49
CA PRO A 190 10.54 14.03 -6.63
C PRO A 190 11.40 12.85 -6.22
N ILE A 191 12.23 13.10 -5.21
CA ILE A 191 13.16 12.10 -4.69
C ILE A 191 13.06 12.20 -3.17
N GLY A 192 11.83 12.07 -2.67
CA GLY A 192 11.57 12.20 -1.25
C GLY A 192 11.86 11.06 -0.29
N ARG A 193 12.31 9.90 -0.77
CA ARG A 193 12.56 8.81 0.16
C ARG A 193 13.71 9.17 1.10
N GLY A 194 13.54 8.84 2.38
CA GLY A 194 14.53 9.15 3.39
C GLY A 194 15.47 7.99 3.52
N TRP A 195 16.48 8.06 4.38
CA TRP A 195 17.42 6.94 4.50
C TRP A 195 16.82 5.77 5.27
N LYS A 196 15.78 6.02 6.07
CA LYS A 196 15.13 4.98 6.84
C LYS A 196 14.44 3.99 5.89
N SER A 197 13.65 4.53 4.97
CA SER A 197 12.93 3.71 4.00
C SER A 197 13.87 3.13 2.95
N THR A 198 14.89 3.90 2.58
CA THR A 198 15.85 3.47 1.60
C THR A 198 16.58 2.20 2.04
N PHE A 199 17.00 2.18 3.29
CA PHE A 199 17.72 1.03 3.83
C PHE A 199 16.85 0.16 4.74
N LEU A 200 15.54 0.39 4.70
CA LEU A 200 14.60 -0.37 5.53
C LEU A 200 15.11 -0.59 6.96
N THR A 201 15.66 0.46 7.54
CA THR A 201 16.20 0.38 8.90
C THR A 201 16.16 1.76 9.55
N HIS A 202 16.24 1.79 10.87
CA HIS A 202 16.26 3.05 11.61
C HIS A 202 17.59 3.15 12.34
N ASP A 203 18.35 2.05 12.30
CA ASP A 203 19.67 2.00 12.94
C ASP A 203 20.72 2.46 11.94
N LYS A 204 21.53 3.44 12.35
CA LYS A 204 22.57 3.99 11.49
C LYS A 204 23.65 2.98 11.13
N ASN A 205 23.98 2.09 12.05
CA ASN A 205 25.00 1.09 11.79
C ASN A 205 24.56 0.15 10.68
N LEU A 206 23.38 -0.45 10.86
CA LEU A 206 22.83 -1.37 9.87
C LEU A 206 22.60 -0.67 8.55
N ALA A 207 22.42 0.65 8.62
CA ALA A 207 22.22 1.45 7.43
C ALA A 207 23.54 1.65 6.70
N GLU A 208 24.46 2.35 7.35
CA GLU A 208 25.77 2.63 6.78
C GLU A 208 26.41 1.35 6.21
N GLN A 209 26.00 0.21 6.73
CA GLN A 209 26.53 -1.06 6.26
C GLN A 209 25.79 -1.46 4.99
N ARG A 210 24.46 -1.50 5.07
CA ARG A 210 23.64 -1.86 3.92
C ARG A 210 23.93 -0.88 2.80
N ALA A 211 24.40 0.30 3.16
CA ALA A 211 24.74 1.32 2.20
C ALA A 211 26.03 0.94 1.50
N VAL A 212 27.06 0.61 2.26
CA VAL A 212 28.35 0.25 1.68
C VAL A 212 28.22 -1.00 0.82
N ASP A 213 27.26 -1.85 1.20
CA ASP A 213 27.03 -3.09 0.45
C ASP A 213 26.46 -2.86 -0.94
N LEU A 214 25.52 -1.91 -0.98
CA LEU A 214 24.88 -1.51 -2.21
C LEU A 214 25.84 -0.73 -3.10
N GLY A 215 27.03 -0.48 -2.59
CA GLY A 215 28.03 0.26 -3.35
C GLY A 215 27.89 1.75 -3.26
N MET A 216 27.73 2.21 -2.03
CA MET A 216 27.55 3.63 -1.73
C MET A 216 28.49 4.19 -0.66
N LYS A 217 28.60 5.53 -0.61
CA LYS A 217 29.39 6.21 0.41
C LYS A 217 28.44 7.06 1.25
N LEU A 218 27.85 6.42 2.27
CA LEU A 218 26.91 7.10 3.15
C LEU A 218 27.60 7.82 4.30
N GLU A 219 27.44 9.15 4.33
CA GLU A 219 28.01 9.96 5.41
C GLU A 219 26.88 10.75 6.05
N TRP A 220 26.58 10.41 7.31
CA TRP A 220 25.51 11.04 8.06
C TRP A 220 25.56 12.56 8.11
N THR A 221 24.44 13.17 7.77
CA THR A 221 24.28 14.62 7.74
C THR A 221 23.86 15.11 9.12
N GLU A 222 24.09 16.40 9.36
CA GLU A 222 23.74 17.03 10.63
C GLU A 222 22.27 16.96 10.98
N ASP A 223 21.42 17.37 10.05
CA ASP A 223 19.98 17.38 10.26
C ASP A 223 19.38 15.97 10.23
N GLY A 224 20.12 15.00 10.78
CA GLY A 224 19.66 13.63 10.83
C GLY A 224 19.52 12.93 9.50
N GLY A 225 19.78 13.66 8.42
CA GLY A 225 19.67 13.07 7.10
C GLY A 225 20.90 12.27 6.72
N ALA A 226 21.16 12.18 5.42
CA ALA A 226 22.32 11.44 4.95
C ALA A 226 22.74 11.86 3.55
N LYS A 227 24.05 11.98 3.34
CA LYS A 227 24.54 12.33 2.03
C LYS A 227 25.16 11.08 1.41
N THR A 228 24.58 10.61 0.31
CA THR A 228 25.05 9.44 -0.40
C THR A 228 25.81 9.79 -1.68
N VAL A 229 26.90 9.07 -1.93
CA VAL A 229 27.68 9.28 -3.12
C VAL A 229 27.92 7.92 -3.77
N MET A 230 27.62 7.84 -5.06
CA MET A 230 27.80 6.59 -5.80
C MET A 230 28.58 6.73 -7.11
N GLY A 231 29.54 5.83 -7.31
CA GLY A 231 30.35 5.84 -8.51
C GLY A 231 31.85 6.01 -8.25
N PRO A 232 32.66 6.12 -9.31
CA PRO A 232 32.24 6.10 -10.71
C PRO A 232 31.59 4.78 -11.14
N ILE A 233 30.53 4.89 -11.94
CA ILE A 233 29.85 3.70 -12.46
C ILE A 233 29.61 4.00 -13.93
N PRO A 234 29.44 2.95 -14.75
CA PRO A 234 29.22 3.17 -16.19
C PRO A 234 27.93 3.89 -16.56
N ALA A 235 27.93 4.51 -17.73
CA ALA A 235 26.76 5.22 -18.21
C ALA A 235 26.19 4.43 -19.37
N ILE A 236 27.04 3.62 -19.99
CA ILE A 236 26.66 2.81 -21.13
C ILE A 236 26.79 1.34 -20.76
N LYS A 237 25.79 0.54 -21.11
CA LYS A 237 25.85 -0.89 -20.83
C LYS A 237 25.60 -1.69 -22.10
N TYR A 238 25.78 -3.01 -22.00
CA TYR A 238 25.62 -3.88 -23.14
C TYR A 238 24.48 -4.87 -22.94
N ASP A 239 23.54 -4.88 -23.87
CA ASP A 239 22.40 -5.80 -23.83
C ASP A 239 22.90 -7.06 -24.53
N GLU A 240 23.23 -8.07 -23.73
CA GLU A 240 23.75 -9.33 -24.27
C GLU A 240 22.74 -10.04 -25.17
N SER A 241 21.48 -9.99 -24.81
CA SER A 241 20.44 -10.67 -25.60
C SER A 241 20.20 -10.05 -26.97
N ARG A 242 20.52 -8.77 -27.13
CA ARG A 242 20.29 -8.12 -28.43
C ARG A 242 21.56 -7.55 -29.05
N ASN A 243 22.70 -7.89 -28.46
CA ASN A 243 24.01 -7.43 -28.96
C ASN A 243 24.08 -5.97 -29.34
N ARG A 244 23.75 -5.09 -28.39
CA ARG A 244 23.80 -3.66 -28.65
C ARG A 244 23.97 -2.93 -27.34
N LYS A 245 24.52 -1.72 -27.40
CA LYS A 245 24.73 -0.92 -26.20
C LYS A 245 23.52 -0.06 -25.90
N VAL A 246 23.24 0.17 -24.63
CA VAL A 246 22.09 0.97 -24.24
C VAL A 246 22.46 2.10 -23.28
N TRP A 247 21.64 3.15 -23.30
CA TRP A 247 21.81 4.32 -22.46
C TRP A 247 21.28 3.99 -21.07
N PHE A 248 21.98 3.10 -20.37
CA PHE A 248 21.57 2.67 -19.05
C PHE A 248 22.19 3.51 -17.95
N ASN A 249 21.60 4.68 -17.72
CA ASN A 249 22.06 5.60 -16.69
C ASN A 249 20.95 6.55 -16.32
N SER A 250 21.10 7.22 -15.19
CA SER A 250 20.12 8.18 -14.72
C SER A 250 20.70 9.58 -14.84
N MET A 251 21.41 9.83 -15.92
CA MET A 251 22.02 11.15 -16.11
C MET A 251 20.99 12.26 -16.22
N VAL A 252 20.09 12.18 -17.19
CA VAL A 252 19.07 13.20 -17.37
C VAL A 252 18.11 13.27 -16.18
N ALA A 253 17.76 12.11 -15.62
CA ALA A 253 16.86 12.05 -14.48
C ALA A 253 17.42 12.83 -13.29
N ALA A 254 18.69 12.61 -12.99
CA ALA A 254 19.34 13.27 -11.86
C ALA A 254 19.61 14.75 -12.13
N TYR A 255 20.21 15.04 -13.28
CA TYR A 255 20.56 16.40 -13.66
C TYR A 255 19.36 17.34 -13.74
N THR A 256 18.19 16.81 -14.07
CA THR A 256 17.01 17.65 -14.17
C THR A 256 15.93 17.36 -13.11
N GLY A 257 16.04 16.23 -12.42
CA GLY A 257 15.01 15.90 -11.45
C GLY A 257 15.35 15.72 -9.98
N TRP A 258 16.62 15.60 -9.64
CA TRP A 258 16.97 15.43 -8.23
C TRP A 258 17.07 16.80 -7.59
N GLU A 259 15.90 17.45 -7.56
CA GLU A 259 15.76 18.79 -7.02
C GLU A 259 14.79 18.91 -5.86
N ASP A 260 15.33 19.30 -4.70
CA ASP A 260 14.54 19.54 -3.51
C ASP A 260 15.39 20.37 -2.55
N LYS A 261 14.87 20.62 -1.35
CA LYS A 261 15.56 21.40 -0.33
C LYS A 261 16.99 20.97 0.01
N ARG A 262 17.31 19.71 -0.29
CA ARG A 262 18.61 19.13 0.02
C ARG A 262 19.45 18.82 -1.20
N ASN A 263 18.87 18.95 -2.38
CA ASN A 263 19.59 18.61 -3.59
C ASN A 263 19.56 19.64 -4.69
N ASP A 264 20.74 19.91 -5.24
CA ASP A 264 20.88 20.81 -6.37
C ASP A 264 21.08 19.82 -7.51
N PRO A 265 20.15 19.78 -8.47
CA PRO A 265 20.24 18.86 -9.61
C PRO A 265 21.58 18.93 -10.32
N ARG A 266 22.04 20.17 -10.58
CA ARG A 266 23.30 20.42 -11.26
C ARG A 266 24.48 19.70 -10.62
N LYS A 267 24.41 19.46 -9.31
CA LYS A 267 25.49 18.78 -8.59
C LYS A 267 25.13 17.35 -8.22
N ALA A 268 23.98 16.88 -8.71
CA ALA A 268 23.51 15.54 -8.40
C ALA A 268 24.23 14.45 -9.19
N VAL A 269 24.73 14.81 -10.38
CA VAL A 269 25.44 13.86 -11.23
C VAL A 269 26.55 14.58 -12.01
N THR A 270 27.71 13.92 -12.10
CA THR A 270 28.87 14.47 -12.79
C THR A 270 29.61 13.33 -13.48
N PHE A 271 30.65 13.66 -14.24
CA PHE A 271 31.46 12.63 -14.88
C PHE A 271 32.09 11.87 -13.72
N GLY A 272 32.45 10.62 -13.96
CA GLY A 272 33.05 9.80 -12.92
C GLY A 272 34.28 10.42 -12.26
N ASP A 273 34.99 11.29 -12.97
CA ASP A 273 36.18 11.91 -12.42
C ASP A 273 35.91 13.28 -11.79
N GLY A 274 34.67 13.53 -11.43
CA GLY A 274 34.31 14.79 -10.80
C GLY A 274 33.99 15.96 -11.72
N LYS A 275 34.52 15.95 -12.94
CA LYS A 275 34.26 17.03 -13.88
C LYS A 275 32.77 17.16 -14.17
N PRO A 276 32.25 18.40 -14.16
CA PRO A 276 30.84 18.67 -14.43
C PRO A 276 30.44 18.29 -15.85
N LEU A 277 29.14 18.10 -16.06
CA LEU A 277 28.62 17.74 -17.38
C LEU A 277 28.23 19.01 -18.12
N PRO A 278 28.33 18.97 -19.46
CA PRO A 278 27.97 20.13 -20.29
C PRO A 278 26.45 20.27 -20.31
N ALA A 279 25.95 21.35 -19.71
CA ALA A 279 24.52 21.60 -19.64
C ALA A 279 23.79 21.46 -20.97
N ASP A 280 24.36 22.00 -22.04
CA ASP A 280 23.72 21.91 -23.35
C ASP A 280 23.62 20.50 -23.91
N ILE A 281 24.59 19.66 -23.60
CA ILE A 281 24.58 18.29 -24.09
C ILE A 281 23.58 17.45 -23.29
N VAL A 282 23.49 17.70 -21.99
CA VAL A 282 22.56 16.94 -21.17
C VAL A 282 21.14 17.27 -21.64
N HIS A 283 20.87 18.55 -21.85
CA HIS A 283 19.54 18.96 -22.30
C HIS A 283 19.27 18.54 -23.73
N ASP A 284 20.34 18.20 -24.45
CA ASP A 284 20.18 17.76 -25.81
C ASP A 284 19.76 16.29 -25.74
N CYS A 285 20.21 15.63 -24.69
CA CYS A 285 19.89 14.23 -24.45
C CYS A 285 18.40 14.18 -24.05
N LEU A 286 17.99 15.13 -23.22
CA LEU A 286 16.60 15.20 -22.79
C LEU A 286 15.70 15.35 -24.03
N ARG A 287 16.15 16.17 -24.98
CA ARG A 287 15.43 16.42 -26.22
C ARG A 287 15.29 15.13 -27.04
N ILE A 288 16.37 14.35 -27.10
CA ILE A 288 16.34 13.09 -27.84
C ILE A 288 15.34 12.11 -27.22
N LEU A 289 15.32 12.05 -25.88
CA LEU A 289 14.42 11.17 -25.16
C LEU A 289 12.95 11.47 -25.48
N GLU A 290 12.61 12.75 -25.49
CA GLU A 290 11.25 13.19 -25.76
C GLU A 290 10.82 12.88 -27.20
N GLU A 291 11.72 13.13 -28.14
CA GLU A 291 11.45 12.89 -29.55
C GLU A 291 11.21 11.40 -29.86
N GLU A 292 12.06 10.55 -29.29
CA GLU A 292 11.96 9.11 -29.52
C GLU A 292 10.92 8.39 -28.66
N CYS A 293 10.46 9.01 -27.58
CA CYS A 293 9.49 8.37 -26.71
C CYS A 293 8.11 8.13 -27.32
N VAL A 294 7.37 7.22 -26.68
CA VAL A 294 6.03 6.86 -27.10
C VAL A 294 5.17 6.93 -25.84
N ALA A 295 4.15 7.79 -25.87
CA ALA A 295 3.25 7.96 -24.74
C ALA A 295 1.84 7.47 -25.09
N VAL A 296 1.57 6.21 -24.79
CA VAL A 296 0.26 5.62 -25.04
C VAL A 296 -0.72 5.96 -23.93
N PRO A 297 -1.86 6.56 -24.27
CA PRO A 297 -2.83 6.89 -23.21
C PRO A 297 -3.34 5.60 -22.57
N TRP A 298 -3.28 5.54 -21.23
CA TRP A 298 -3.73 4.38 -20.48
C TRP A 298 -5.22 4.09 -20.56
N GLN A 299 -5.56 2.82 -20.66
CA GLN A 299 -6.96 2.41 -20.68
C GLN A 299 -7.08 1.42 -19.53
N ARG A 300 -8.23 1.38 -18.86
CA ARG A 300 -8.41 0.44 -17.78
C ARG A 300 -8.24 -0.97 -18.33
N GLY A 301 -7.50 -1.82 -17.61
CA GLY A 301 -7.29 -3.17 -18.07
C GLY A 301 -5.96 -3.35 -18.80
N ASP A 302 -5.36 -2.25 -19.24
CA ASP A 302 -4.08 -2.30 -19.94
C ASP A 302 -2.97 -2.88 -19.04
N VAL A 303 -2.13 -3.72 -19.65
CA VAL A 303 -0.99 -4.31 -18.94
C VAL A 303 0.18 -4.10 -19.88
N LEU A 304 1.22 -3.44 -19.38
CA LEU A 304 2.38 -3.17 -20.21
C LEU A 304 3.58 -3.92 -19.65
N LEU A 305 4.23 -4.70 -20.51
CA LEU A 305 5.41 -5.47 -20.14
C LEU A 305 6.61 -4.76 -20.75
N ILE A 306 7.56 -4.39 -19.90
CA ILE A 306 8.75 -3.68 -20.32
C ILE A 306 10.03 -4.43 -20.02
N ASP A 307 10.89 -4.51 -21.02
CA ASP A 307 12.20 -5.15 -20.83
C ASP A 307 13.08 -4.01 -20.30
N ASN A 308 13.49 -4.10 -19.04
CA ASN A 308 14.30 -3.04 -18.44
C ASN A 308 15.68 -2.82 -19.07
N TRP A 309 16.12 -3.77 -19.89
CA TRP A 309 17.41 -3.62 -20.56
C TRP A 309 17.28 -2.75 -21.80
N ALA A 310 16.08 -2.66 -22.36
CA ALA A 310 15.92 -1.90 -23.59
C ALA A 310 15.04 -0.67 -23.51
N VAL A 311 14.40 -0.43 -22.37
CA VAL A 311 13.49 0.70 -22.28
C VAL A 311 13.60 1.53 -21.01
N LEU A 312 13.43 2.84 -21.16
CA LEU A 312 13.42 3.76 -20.03
C LEU A 312 11.98 4.27 -19.97
N HIS A 313 11.44 4.43 -18.77
CA HIS A 313 10.08 4.92 -18.67
C HIS A 313 9.99 6.19 -17.85
N SER A 314 8.81 6.82 -17.89
CA SER A 314 8.56 8.05 -17.16
C SER A 314 7.07 8.18 -16.85
N ARG A 315 6.69 9.36 -16.39
CA ARG A 315 5.31 9.62 -16.09
C ARG A 315 5.00 11.10 -16.34
N ARG A 316 3.88 11.34 -17.02
CA ARG A 316 3.44 12.68 -17.32
C ARG A 316 2.56 13.18 -16.21
N PRO A 317 2.42 14.51 -16.10
CA PRO A 317 1.56 15.06 -15.05
C PRO A 317 0.13 14.55 -15.31
N PHE A 318 -0.70 14.54 -14.28
CA PHE A 318 -2.07 14.07 -14.46
C PHE A 318 -3.04 14.68 -13.48
N ASP A 319 -4.32 14.46 -13.74
CA ASP A 319 -5.39 14.92 -12.87
C ASP A 319 -5.98 13.65 -12.29
N PRO A 320 -6.03 13.54 -10.95
CA PRO A 320 -6.59 12.34 -10.33
C PRO A 320 -8.03 12.18 -10.81
N PRO A 321 -8.61 10.97 -10.68
CA PRO A 321 -8.02 9.74 -10.14
C PRO A 321 -7.06 9.11 -11.15
N ARG A 322 -6.22 8.22 -10.65
CA ARG A 322 -5.26 7.47 -11.46
C ARG A 322 -4.68 6.38 -10.59
N ARG A 323 -4.58 5.18 -11.13
CA ARG A 323 -4.01 4.08 -10.39
C ARG A 323 -3.34 3.11 -11.34
N VAL A 324 -2.02 3.00 -11.20
CA VAL A 324 -1.22 2.11 -12.02
C VAL A 324 -0.42 1.27 -11.05
N LEU A 325 -0.59 -0.05 -11.12
CA LEU A 325 0.12 -0.97 -10.23
C LEU A 325 1.35 -1.49 -10.96
N ALA A 326 2.26 -2.11 -10.23
CA ALA A 326 3.46 -2.62 -10.87
C ALA A 326 3.94 -3.96 -10.34
N SER A 327 4.87 -4.57 -11.08
CA SER A 327 5.44 -5.84 -10.68
C SER A 327 6.83 -5.93 -11.32
N LEU A 328 7.82 -6.28 -10.50
CA LEU A 328 9.21 -6.37 -10.96
C LEU A 328 9.71 -7.80 -11.10
N CYS A 329 10.48 -8.04 -12.16
CA CYS A 329 11.03 -9.36 -12.45
C CYS A 329 12.55 -9.41 -12.33
N LYS A 330 13.05 -10.54 -11.84
CA LYS A 330 14.47 -10.78 -11.66
C LYS A 330 15.23 -10.64 -12.99
N ALA B 2 -30.33 -27.34 -4.65
CA ALA B 2 -29.32 -27.63 -3.59
C ALA B 2 -29.31 -26.55 -2.51
N GLU B 3 -29.50 -26.97 -1.26
CA GLU B 3 -29.54 -26.04 -0.14
C GLU B 3 -28.44 -26.34 0.90
N LEU B 4 -28.07 -25.32 1.66
CA LEU B 4 -27.02 -25.44 2.66
C LEU B 4 -27.46 -24.97 4.02
N LEU B 5 -27.11 -25.74 5.06
CA LEU B 5 -27.45 -25.38 6.42
C LEU B 5 -26.34 -24.57 7.10
N LEU B 6 -26.75 -23.54 7.83
CA LEU B 6 -25.81 -22.71 8.56
C LEU B 6 -25.98 -23.17 10.00
N VAL B 7 -24.98 -23.88 10.52
CA VAL B 7 -25.04 -24.42 11.88
C VAL B 7 -24.21 -23.66 12.92
N GLU B 8 -24.86 -23.28 14.02
CA GLU B 8 -24.18 -22.61 15.10
C GLU B 8 -23.27 -23.65 15.74
N THR B 9 -21.96 -23.37 15.69
CA THR B 9 -20.98 -24.30 16.21
C THR B 9 -20.15 -23.73 17.35
N PRO B 10 -19.78 -24.58 18.31
CA PRO B 10 -18.98 -24.15 19.46
C PRO B 10 -17.50 -24.21 19.16
N ILE B 11 -16.74 -23.30 19.77
CA ILE B 11 -15.28 -23.30 19.63
C ILE B 11 -14.76 -23.02 21.03
N PRO B 12 -13.56 -23.52 21.34
CA PRO B 12 -12.90 -23.36 22.64
C PRO B 12 -12.82 -21.93 23.18
N GLN B 13 -12.46 -21.00 22.30
CA GLN B 13 -12.27 -19.63 22.70
C GLN B 13 -13.49 -18.77 23.01
N GLN B 14 -14.64 -19.09 22.43
CA GLN B 14 -15.82 -18.28 22.65
C GLN B 14 -16.32 -18.20 24.09
N LYS B 15 -16.91 -17.05 24.40
CA LYS B 15 -17.47 -16.78 25.73
C LYS B 15 -18.99 -16.67 25.61
N HIS B 16 -19.65 -16.48 26.75
CA HIS B 16 -21.09 -16.34 26.74
C HIS B 16 -21.49 -15.24 27.70
N TYR B 17 -22.39 -14.38 27.25
CA TYR B 17 -22.89 -13.30 28.07
C TYR B 17 -24.41 -13.40 27.93
N GLU B 18 -25.08 -13.53 29.06
CA GLU B 18 -26.53 -13.71 29.11
C GLU B 18 -27.02 -14.70 28.07
N SER B 19 -26.43 -15.90 28.12
CA SER B 19 -26.78 -17.01 27.23
C SER B 19 -26.37 -16.81 25.77
N LYS B 20 -25.77 -15.67 25.45
CA LYS B 20 -25.37 -15.40 24.08
C LYS B 20 -23.88 -15.64 23.85
N PRO B 21 -23.54 -16.36 22.77
CA PRO B 21 -22.15 -16.65 22.45
C PRO B 21 -21.41 -15.45 21.90
N PHE B 22 -20.10 -15.39 22.17
CA PHE B 22 -19.27 -14.33 21.66
C PHE B 22 -17.89 -14.85 21.29
N PRO B 23 -17.58 -14.88 19.99
CA PRO B 23 -18.51 -14.47 18.94
C PRO B 23 -19.40 -15.66 18.58
N ALA B 24 -20.46 -15.43 17.83
CA ALA B 24 -21.31 -16.54 17.41
C ALA B 24 -20.48 -17.21 16.31
N VAL B 25 -20.59 -18.52 16.15
CA VAL B 25 -19.82 -19.20 15.10
C VAL B 25 -20.68 -20.08 14.20
N ILE B 26 -20.64 -19.77 12.91
CA ILE B 26 -21.39 -20.52 11.92
C ILE B 26 -20.47 -21.34 11.02
N SER B 27 -20.87 -22.59 10.80
CA SER B 27 -20.12 -23.52 9.97
C SER B 27 -21.08 -24.41 9.19
N PRO B 28 -20.57 -25.10 8.18
CA PRO B 28 -21.43 -25.99 7.40
C PRO B 28 -21.71 -27.21 8.29
N PRO B 29 -22.79 -27.97 8.04
CA PRO B 29 -23.09 -29.14 8.89
C PRO B 29 -22.20 -30.36 8.68
N SER B 30 -22.15 -31.23 9.66
CA SER B 30 -21.34 -32.45 9.58
C SER B 30 -22.02 -33.46 8.67
N ALA B 31 -23.28 -33.77 8.98
CA ALA B 31 -24.03 -34.74 8.20
C ALA B 31 -25.45 -34.24 7.93
N SER B 32 -25.64 -33.68 6.74
CA SER B 32 -26.93 -33.14 6.32
C SER B 32 -27.55 -34.05 5.27
N ILE B 33 -28.88 -34.02 5.17
CA ILE B 33 -29.59 -34.84 4.19
C ILE B 33 -30.44 -33.97 3.25
N PRO B 34 -30.10 -33.94 1.96
CA PRO B 34 -28.97 -34.67 1.37
C PRO B 34 -27.64 -33.99 1.72
N ILE B 35 -26.54 -34.69 1.47
CA ILE B 35 -25.22 -34.13 1.73
C ILE B 35 -24.97 -33.04 0.71
N PRO B 36 -24.81 -31.79 1.17
CA PRO B 36 -24.57 -30.67 0.27
C PRO B 36 -23.12 -30.57 -0.20
N ALA B 37 -22.93 -30.25 -1.48
CA ALA B 37 -21.60 -30.10 -2.03
C ALA B 37 -21.24 -28.65 -1.78
N LEU B 38 -20.34 -28.41 -0.84
CA LEU B 38 -19.95 -27.06 -0.52
C LEU B 38 -19.24 -26.35 -1.67
N SER B 39 -19.56 -25.08 -1.83
CA SER B 39 -18.96 -24.25 -2.86
C SER B 39 -19.14 -22.80 -2.43
N LEU B 40 -18.42 -21.88 -3.05
CA LEU B 40 -18.57 -20.47 -2.70
C LEU B 40 -19.94 -19.97 -3.12
N PRO B 41 -20.38 -20.31 -4.35
CA PRO B 41 -21.70 -19.85 -4.79
C PRO B 41 -22.83 -20.34 -3.90
N LEU B 42 -22.74 -21.58 -3.43
CA LEU B 42 -23.78 -22.12 -2.56
C LEU B 42 -23.83 -21.35 -1.25
N PHE B 43 -22.65 -21.00 -0.75
CA PHE B 43 -22.54 -20.25 0.50
C PHE B 43 -23.14 -18.84 0.35
N THR B 44 -22.71 -18.11 -0.67
CA THR B 44 -23.23 -16.76 -0.88
C THR B 44 -24.75 -16.73 -1.09
N GLN B 45 -25.30 -17.78 -1.69
CA GLN B 45 -26.74 -17.86 -1.89
C GLN B 45 -27.43 -18.07 -0.56
N THR B 46 -26.82 -18.89 0.30
CA THR B 46 -27.41 -19.18 1.61
C THR B 46 -27.37 -17.92 2.47
N ILE B 47 -26.32 -17.13 2.28
CA ILE B 47 -26.19 -15.89 3.03
C ILE B 47 -27.38 -14.98 2.72
N LYS B 48 -27.72 -14.86 1.43
CA LYS B 48 -28.85 -14.03 1.03
C LYS B 48 -30.17 -14.62 1.50
N THR B 49 -30.27 -15.94 1.40
CA THR B 49 -31.48 -16.64 1.81
C THR B 49 -31.68 -16.55 3.34
N GLN B 50 -30.60 -16.55 4.09
CA GLN B 50 -30.69 -16.47 5.55
C GLN B 50 -30.43 -15.09 6.13
N LYS B 51 -30.64 -14.06 5.31
CA LYS B 51 -30.42 -12.68 5.75
C LYS B 51 -30.96 -12.38 7.14
N HIS B 52 -32.26 -12.62 7.36
CA HIS B 52 -32.85 -12.34 8.66
C HIS B 52 -32.17 -13.07 9.80
N TYR B 53 -31.96 -14.37 9.62
CA TYR B 53 -31.32 -15.16 10.66
C TYR B 53 -29.94 -14.59 10.99
N LEU B 54 -29.18 -14.24 9.95
CA LEU B 54 -27.85 -13.70 10.17
C LEU B 54 -27.85 -12.31 10.80
N ASP B 55 -28.83 -11.48 10.46
CA ASP B 55 -28.91 -10.14 11.08
C ASP B 55 -29.21 -10.29 12.55
N SER B 56 -30.06 -11.26 12.87
CA SER B 56 -30.45 -11.52 14.24
C SER B 56 -29.27 -12.01 15.08
N LEU B 57 -28.45 -12.86 14.47
CA LEU B 57 -27.28 -13.42 15.13
C LEU B 57 -26.25 -12.33 15.44
N LEU B 58 -25.96 -11.48 14.46
CA LEU B 58 -25.02 -10.39 14.64
C LEU B 58 -25.55 -9.42 15.69
N HIS B 59 -26.87 -9.24 15.69
CA HIS B 59 -27.53 -8.36 16.64
C HIS B 59 -27.40 -8.85 18.08
N GLU B 60 -27.52 -10.17 18.28
CA GLU B 60 -27.44 -10.75 19.61
C GLU B 60 -26.01 -10.97 20.11
N SER B 61 -25.09 -11.27 19.19
CA SER B 61 -23.71 -11.55 19.57
C SER B 61 -22.68 -10.44 19.36
N GLY B 62 -22.89 -9.57 18.38
CA GLY B 62 -21.94 -8.49 18.15
C GLY B 62 -20.90 -8.82 17.08
N ALA B 63 -20.57 -10.10 16.96
CA ALA B 63 -19.63 -10.57 15.96
C ALA B 63 -19.98 -11.99 15.55
N VAL B 64 -19.74 -12.32 14.29
CA VAL B 64 -20.01 -13.65 13.78
C VAL B 64 -18.85 -14.19 12.94
N LEU B 65 -18.30 -15.32 13.38
CA LEU B 65 -17.21 -15.97 12.67
C LEU B 65 -17.82 -17.06 11.78
N PHE B 66 -17.39 -17.07 10.51
CA PHE B 66 -17.85 -18.05 9.54
C PHE B 66 -16.67 -18.97 9.27
N ARG B 67 -16.76 -20.19 9.77
CA ARG B 67 -15.68 -21.17 9.62
C ARG B 67 -16.06 -22.43 8.86
N GLY B 68 -15.17 -22.86 7.96
CA GLY B 68 -15.40 -24.06 7.19
C GLY B 68 -16.00 -23.89 5.81
N PHE B 69 -16.13 -22.65 5.35
CA PHE B 69 -16.69 -22.38 4.04
C PHE B 69 -15.55 -22.17 3.04
N PRO B 70 -15.80 -22.45 1.75
CA PRO B 70 -14.84 -22.33 0.64
C PRO B 70 -14.40 -20.92 0.20
N VAL B 71 -14.08 -20.05 1.15
CA VAL B 71 -13.63 -18.71 0.81
C VAL B 71 -12.12 -18.84 0.61
N ASN B 72 -11.71 -19.11 -0.63
CA ASN B 72 -10.30 -19.33 -0.94
C ASN B 72 -9.53 -18.28 -1.74
N SER B 73 -10.02 -17.05 -1.75
CA SER B 73 -9.35 -15.98 -2.48
C SER B 73 -9.98 -14.64 -2.16
N ALA B 74 -9.30 -13.56 -2.51
CA ALA B 74 -9.83 -12.22 -2.26
C ALA B 74 -11.17 -12.10 -2.99
N ASP B 75 -11.20 -12.64 -4.20
CA ASP B 75 -12.41 -12.61 -5.02
C ASP B 75 -13.57 -13.31 -4.30
N ASP B 76 -13.29 -14.49 -3.74
CA ASP B 76 -14.31 -15.22 -3.00
C ASP B 76 -14.82 -14.39 -1.84
N PHE B 77 -13.88 -13.79 -1.09
CA PHE B 77 -14.21 -12.97 0.06
C PHE B 77 -15.07 -11.78 -0.37
N ASN B 78 -14.71 -11.16 -1.49
CA ASN B 78 -15.48 -10.03 -1.99
C ASN B 78 -16.91 -10.48 -2.31
N ASP B 79 -17.06 -11.67 -2.88
CA ASP B 79 -18.39 -12.17 -3.21
C ASP B 79 -19.21 -12.36 -1.93
N VAL B 80 -18.55 -12.85 -0.89
CA VAL B 80 -19.22 -13.05 0.39
C VAL B 80 -19.65 -11.71 0.97
N VAL B 81 -18.80 -10.70 0.85
CA VAL B 81 -19.12 -9.37 1.36
C VAL B 81 -20.30 -8.79 0.56
N GLU B 82 -20.35 -9.07 -0.73
CA GLU B 82 -21.43 -8.59 -1.57
C GLU B 82 -22.74 -9.31 -1.29
N ALA B 83 -22.67 -10.57 -0.86
CA ALA B 83 -23.88 -11.34 -0.57
C ALA B 83 -24.63 -10.75 0.62
N PHE B 84 -23.89 -10.19 1.57
CA PHE B 84 -24.49 -9.59 2.77
C PHE B 84 -25.21 -8.30 2.39
N GLY B 85 -24.81 -7.71 1.27
CA GLY B 85 -25.45 -6.50 0.80
C GLY B 85 -25.39 -5.23 1.64
N PHE B 86 -24.47 -5.14 2.61
CA PHE B 86 -24.35 -3.91 3.39
C PHE B 86 -23.76 -2.86 2.47
N ASP B 87 -24.12 -1.59 2.67
CA ASP B 87 -23.56 -0.54 1.82
C ASP B 87 -22.08 -0.40 2.12
N GLU B 88 -21.27 -0.24 1.08
CA GLU B 88 -19.85 -0.08 1.26
C GLU B 88 -19.53 1.28 1.86
N LEU B 89 -18.50 1.34 2.71
CA LEU B 89 -18.13 2.59 3.33
C LEU B 89 -17.45 3.47 2.28
N PRO B 90 -18.02 4.66 2.02
CA PRO B 90 -17.47 5.59 1.03
C PRO B 90 -16.05 5.98 1.39
N TYR B 91 -15.14 5.92 0.43
CA TYR B 91 -13.74 6.25 0.66
C TYR B 91 -13.56 7.77 0.65
N THR B 99 -4.66 -0.93 0.65
CA THR B 99 -4.54 -1.05 -0.82
C THR B 99 -5.56 -2.04 -1.40
N SER B 100 -6.48 -1.49 -2.17
CA SER B 100 -7.55 -2.27 -2.80
C SER B 100 -7.09 -3.49 -3.60
N VAL B 101 -7.50 -4.67 -3.15
CA VAL B 101 -7.14 -5.91 -3.83
C VAL B 101 -8.15 -6.27 -4.92
N VAL B 102 -9.43 -6.22 -4.56
CA VAL B 102 -10.52 -6.49 -5.49
C VAL B 102 -11.84 -6.04 -4.88
N GLY B 103 -12.66 -5.37 -5.69
CA GLY B 103 -13.95 -4.90 -5.21
C GLY B 103 -13.88 -4.02 -3.97
N ARG B 104 -14.51 -4.50 -2.90
CA ARG B 104 -14.57 -3.79 -1.63
C ARG B 104 -13.54 -4.30 -0.64
N VAL B 105 -12.71 -5.23 -1.11
CA VAL B 105 -11.70 -5.83 -0.26
C VAL B 105 -10.33 -5.18 -0.39
N PHE B 106 -9.65 -5.02 0.74
CA PHE B 106 -8.33 -4.41 0.76
C PHE B 106 -7.40 -5.01 1.84
N THR B 107 -6.12 -4.64 1.77
CA THR B 107 -5.12 -5.09 2.73
C THR B 107 -4.80 -3.87 3.59
N ALA B 108 -4.72 -4.05 4.90
CA ALA B 108 -4.42 -2.95 5.80
C ALA B 108 -2.96 -2.86 6.20
N ASN B 109 -2.32 -1.72 5.92
CA ASN B 109 -0.91 -1.55 6.27
C ASN B 109 -0.76 -1.55 7.78
N GLU B 110 -0.59 -2.74 8.35
CA GLU B 110 -0.47 -2.86 9.80
C GLU B 110 0.96 -2.62 10.32
N SER B 111 1.11 -2.69 11.64
CA SER B 111 2.40 -2.53 12.31
C SER B 111 3.28 -3.75 12.05
N PRO B 112 4.57 -3.68 12.42
CA PRO B 112 5.38 -4.90 12.13
C PRO B 112 4.84 -6.11 12.92
N PRO B 113 5.09 -7.36 12.45
CA PRO B 113 4.61 -8.56 13.15
C PRO B 113 4.91 -8.76 14.63
N ASP B 114 6.02 -8.21 15.08
CA ASP B 114 6.41 -8.35 16.48
C ASP B 114 5.60 -7.45 17.40
N GLN B 115 4.91 -6.45 16.83
CA GLN B 115 4.12 -5.54 17.65
C GLN B 115 2.74 -6.06 18.05
N LYS B 116 2.17 -5.40 19.04
CA LYS B 116 0.86 -5.75 19.58
C LYS B 116 -0.04 -4.54 19.30
N ILE B 117 -1.02 -4.70 18.41
CA ILE B 117 -1.92 -3.61 18.09
C ILE B 117 -2.97 -3.50 19.19
N PRO B 118 -3.09 -2.31 19.80
CA PRO B 118 -4.06 -2.08 20.87
C PRO B 118 -5.50 -2.21 20.42
N PHE B 119 -6.39 -2.39 21.40
CA PHE B 119 -7.80 -2.50 21.16
C PHE B 119 -8.36 -1.18 20.69
N HIS B 120 -9.25 -1.24 19.70
CA HIS B 120 -9.87 -0.03 19.19
C HIS B 120 -11.10 -0.33 18.36
N HIS B 121 -11.96 0.68 18.25
CA HIS B 121 -13.14 0.61 17.42
C HIS B 121 -12.56 1.13 16.11
N GLU B 122 -13.03 0.62 14.98
CA GLU B 122 -12.50 1.07 13.70
C GLU B 122 -12.86 2.52 13.39
N MET B 123 -11.86 3.31 13.02
CA MET B 123 -12.03 4.72 12.70
C MET B 123 -12.82 5.48 13.77
N ALA B 124 -12.52 5.15 15.03
CA ALA B 124 -13.19 5.74 16.18
C ALA B 124 -13.19 7.27 16.30
N GLN B 125 -12.19 7.93 15.72
CA GLN B 125 -12.14 9.39 15.79
C GLN B 125 -12.62 10.05 14.51
N VAL B 126 -13.32 9.28 13.67
CA VAL B 126 -13.84 9.78 12.41
C VAL B 126 -15.35 9.98 12.53
N ARG B 127 -15.85 11.08 11.95
CA ARG B 127 -17.27 11.39 12.01
C ARG B 127 -18.16 10.27 11.47
N GLU B 128 -17.85 9.80 10.26
CA GLU B 128 -18.63 8.72 9.66
C GLU B 128 -17.82 7.42 9.71
N PHE B 129 -17.81 6.79 10.89
CA PHE B 129 -17.07 5.54 11.05
C PHE B 129 -17.92 4.35 10.56
N PRO B 130 -17.27 3.23 10.21
CA PRO B 130 -17.96 2.03 9.72
C PRO B 130 -18.90 1.46 10.78
N SER B 131 -20.09 1.03 10.37
CA SER B 131 -20.99 0.42 11.33
C SER B 131 -20.54 -1.03 11.48
N LYS B 132 -20.09 -1.62 10.36
CA LYS B 132 -19.65 -3.02 10.34
C LYS B 132 -18.31 -3.22 9.67
N LEU B 133 -17.67 -4.33 10.02
CA LEU B 133 -16.32 -4.66 9.55
C LEU B 133 -16.17 -6.15 9.20
N PHE B 134 -15.44 -6.45 8.12
CA PHE B 134 -15.19 -7.83 7.70
C PHE B 134 -13.67 -8.09 7.69
N PHE B 135 -13.28 -9.26 8.19
CA PHE B 135 -11.88 -9.69 8.20
C PHE B 135 -11.85 -11.07 7.60
N TYR B 136 -10.91 -11.30 6.70
CA TYR B 136 -10.80 -12.60 6.06
C TYR B 136 -9.38 -13.12 6.05
N CYS B 137 -9.22 -14.37 6.48
CA CYS B 137 -7.91 -15.00 6.51
C CYS B 137 -7.62 -15.74 5.21
N GLU B 138 -6.77 -15.15 4.37
CA GLU B 138 -6.41 -15.81 3.13
C GLU B 138 -5.22 -16.74 3.39
N ILE B 139 -4.34 -16.33 4.30
CA ILE B 139 -3.16 -17.12 4.64
C ILE B 139 -3.03 -17.10 6.15
N GLU B 140 -3.20 -18.24 6.79
CA GLU B 140 -3.09 -18.28 8.25
C GLU B 140 -1.68 -18.02 8.73
N PRO B 141 -1.55 -17.29 9.84
CA PRO B 141 -0.23 -16.99 10.39
C PRO B 141 0.52 -18.24 10.82
N LYS B 142 1.85 -18.21 10.66
CA LYS B 142 2.69 -19.34 11.05
C LYS B 142 2.50 -19.54 12.54
N CYS B 143 2.45 -18.43 13.28
CA CYS B 143 2.25 -18.50 14.71
C CYS B 143 1.63 -17.20 15.24
N GLY B 144 0.69 -17.34 16.17
CA GLY B 144 0.03 -16.19 16.74
C GLY B 144 -0.76 -15.40 15.72
N GLY B 145 -0.66 -14.09 15.80
CA GLY B 145 -1.35 -13.21 14.87
C GLY B 145 -2.87 -13.27 14.87
N GLU B 146 -3.47 -13.64 15.98
CA GLU B 146 -4.93 -13.69 16.04
C GLU B 146 -5.47 -12.27 16.04
N THR B 147 -6.78 -12.16 15.91
CA THR B 147 -7.45 -10.88 15.94
C THR B 147 -8.42 -10.90 17.11
N PRO B 148 -7.92 -10.56 18.31
CA PRO B 148 -8.73 -10.54 19.53
C PRO B 148 -9.83 -9.50 19.44
N ILE B 149 -11.00 -9.87 19.94
CA ILE B 149 -12.18 -9.00 19.91
C ILE B 149 -12.81 -9.01 21.29
N VAL B 150 -13.42 -7.89 21.66
CA VAL B 150 -14.04 -7.80 22.98
C VAL B 150 -15.31 -6.98 22.87
N LEU B 151 -16.29 -7.26 23.74
CA LEU B 151 -17.56 -6.53 23.74
C LEU B 151 -17.42 -5.17 24.42
N SER B 152 -17.65 -4.11 23.65
CA SER B 152 -17.53 -2.75 24.15
C SER B 152 -18.44 -2.44 25.35
N HIS B 153 -19.68 -2.92 25.34
CA HIS B 153 -20.57 -2.64 26.46
C HIS B 153 -20.12 -3.33 27.74
N VAL B 154 -19.41 -4.44 27.59
CA VAL B 154 -18.90 -5.17 28.75
C VAL B 154 -17.77 -4.35 29.40
N VAL B 155 -16.89 -3.80 28.58
CA VAL B 155 -15.80 -2.98 29.09
C VAL B 155 -16.39 -1.81 29.85
N TYR B 156 -17.43 -1.21 29.28
CA TYR B 156 -18.10 -0.07 29.90
C TYR B 156 -18.70 -0.43 31.26
N GLU B 157 -19.42 -1.55 31.29
CA GLU B 157 -20.06 -2.00 32.52
C GLU B 157 -19.07 -2.33 33.62
N ARG B 158 -17.94 -2.92 33.25
CA ARG B 158 -16.93 -3.26 34.25
C ARG B 158 -16.20 -2.02 34.74
N MET B 159 -15.92 -1.10 33.82
CA MET B 159 -15.26 0.14 34.20
C MET B 159 -16.17 0.95 35.13
N LYS B 160 -17.45 1.06 34.79
CA LYS B 160 -18.38 1.82 35.62
C LYS B 160 -18.51 1.20 37.00
N ASP B 161 -18.44 -0.12 37.05
CA ASP B 161 -18.56 -0.83 38.30
C ASP B 161 -17.33 -0.70 39.19
N LYS B 162 -16.16 -0.71 38.59
CA LYS B 162 -14.91 -0.61 39.34
C LYS B 162 -14.49 0.84 39.62
N HIS B 163 -14.76 1.72 38.67
CA HIS B 163 -14.38 3.12 38.81
C HIS B 163 -15.52 4.07 38.44
N PRO B 164 -16.57 4.09 39.24
CA PRO B 164 -17.72 4.95 38.97
C PRO B 164 -17.39 6.43 38.81
N GLU B 165 -16.53 6.96 39.68
CA GLU B 165 -16.18 8.37 39.60
C GLU B 165 -15.48 8.69 38.30
N PHE B 166 -14.52 7.85 37.93
CA PHE B 166 -13.76 8.03 36.71
C PHE B 166 -14.69 8.04 35.50
N VAL B 167 -15.59 7.06 35.42
CA VAL B 167 -16.54 6.99 34.32
C VAL B 167 -17.42 8.23 34.30
N GLN B 168 -17.87 8.63 35.49
CA GLN B 168 -18.72 9.80 35.65
C GLN B 168 -18.02 11.05 35.11
N ARG B 169 -16.72 11.17 35.38
CA ARG B 169 -15.98 12.31 34.90
C ARG B 169 -15.78 12.22 33.37
N LEU B 170 -15.62 11.01 32.86
CA LEU B 170 -15.46 10.82 31.41
C LEU B 170 -16.69 11.30 30.65
N GLU B 171 -17.88 11.01 31.17
CA GLU B 171 -19.12 11.43 30.53
C GLU B 171 -19.27 12.95 30.61
N GLU B 172 -18.71 13.55 31.65
CA GLU B 172 -18.81 15.00 31.85
C GLU B 172 -17.85 15.80 30.98
N HIS B 173 -16.57 15.44 31.00
CA HIS B 173 -15.57 16.16 30.23
C HIS B 173 -15.09 15.47 28.97
N GLY B 174 -15.33 14.17 28.88
CA GLY B 174 -14.91 13.43 27.71
C GLY B 174 -13.39 13.36 27.63
N LEU B 175 -12.87 13.17 26.43
CA LEU B 175 -11.44 13.05 26.23
C LEU B 175 -10.91 14.03 25.20
N LEU B 176 -9.59 14.21 25.23
CA LEU B 176 -8.89 15.10 24.32
C LEU B 176 -7.76 14.28 23.70
N TYR B 177 -7.59 14.37 22.38
CA TYR B 177 -6.54 13.62 21.71
C TYR B 177 -5.47 14.53 21.12
N VAL B 178 -4.21 14.19 21.38
CA VAL B 178 -3.10 14.99 20.90
C VAL B 178 -2.11 14.20 20.06
N ARG B 179 -1.68 14.84 18.98
CA ARG B 179 -0.71 14.26 18.06
C ARG B 179 0.20 15.35 17.54
N VAL B 180 1.50 15.13 17.65
CA VAL B 180 2.48 16.07 17.17
C VAL B 180 2.95 15.49 15.85
N LEU B 181 2.61 16.16 14.76
CA LEU B 181 2.98 15.70 13.43
C LEU B 181 4.23 16.39 12.92
N GLY B 182 5.02 15.64 12.16
CA GLY B 182 6.23 16.19 11.58
C GLY B 182 5.76 16.73 10.25
N GLU B 183 6.63 17.35 9.47
CA GLU B 183 6.24 17.86 8.17
C GLU B 183 6.18 16.71 7.16
N ASP B 184 7.15 15.81 7.26
CA ASP B 184 7.19 14.65 6.37
C ASP B 184 6.77 13.39 7.10
N ASP B 185 6.74 12.30 6.36
CA ASP B 185 6.30 11.04 6.89
C ASP B 185 7.43 10.17 7.45
N ASP B 186 7.30 9.79 8.71
CA ASP B 186 8.26 8.92 9.38
C ASP B 186 7.78 7.49 9.17
N PRO B 187 8.59 6.68 8.47
CA PRO B 187 8.27 5.28 8.17
C PRO B 187 8.30 4.39 9.40
N SER B 188 9.26 4.69 10.28
CA SER B 188 9.43 3.91 11.49
C SER B 188 8.63 4.48 12.67
N SER B 189 7.32 4.68 12.46
CA SER B 189 6.46 5.19 13.53
C SER B 189 5.01 4.78 13.33
N PRO B 190 4.35 4.33 14.41
CA PRO B 190 2.96 3.91 14.34
C PRO B 190 2.02 5.06 13.96
N ILE B 191 2.48 6.29 14.20
CA ILE B 191 1.72 7.48 13.92
C ILE B 191 2.56 8.45 13.11
N GLY B 192 3.59 7.90 12.48
CA GLY B 192 4.53 8.67 11.70
C GLY B 192 4.11 9.56 10.52
N ARG B 193 2.84 9.52 10.14
CA ARG B 193 2.37 10.31 9.00
C ARG B 193 2.40 11.81 9.27
N GLY B 194 3.06 12.56 8.40
CA GLY B 194 3.16 14.01 8.58
C GLY B 194 1.94 14.79 8.13
N TRP B 195 1.92 16.09 8.43
CA TRP B 195 0.78 16.94 8.09
C TRP B 195 0.61 17.15 6.58
N LYS B 196 1.70 17.06 5.83
CA LYS B 196 1.59 17.22 4.39
C LYS B 196 0.71 16.11 3.84
N SER B 197 1.04 14.88 4.21
CA SER B 197 0.29 13.71 3.76
C SER B 197 -1.06 13.58 4.45
N THR B 198 -1.11 13.90 5.74
CA THR B 198 -2.34 13.80 6.50
C THR B 198 -3.42 14.72 5.95
N PHE B 199 -3.02 15.94 5.61
CA PHE B 199 -3.96 16.93 5.08
C PHE B 199 -3.81 17.13 3.58
N LEU B 200 -3.08 16.21 2.94
CA LEU B 200 -2.85 16.24 1.49
C LEU B 200 -2.48 17.60 0.92
N THR B 201 -1.56 18.30 1.59
CA THR B 201 -1.13 19.60 1.11
C THR B 201 0.18 20.05 1.76
N HIS B 202 0.90 20.93 1.07
CA HIS B 202 2.15 21.45 1.60
C HIS B 202 1.90 22.89 2.04
N ASP B 203 0.71 23.39 1.73
CA ASP B 203 0.31 24.75 2.08
C ASP B 203 -0.32 24.78 3.48
N LYS B 204 0.32 25.50 4.39
CA LYS B 204 -0.15 25.61 5.76
C LYS B 204 -1.58 26.11 5.93
N ASN B 205 -1.97 27.09 5.15
CA ASN B 205 -3.33 27.63 5.25
C ASN B 205 -4.39 26.60 4.95
N LEU B 206 -4.26 25.92 3.81
CA LEU B 206 -5.22 24.91 3.41
C LEU B 206 -5.27 23.81 4.46
N ALA B 207 -4.10 23.33 4.88
CA ALA B 207 -4.01 22.28 5.87
C ALA B 207 -4.77 22.60 7.16
N GLU B 208 -4.51 23.75 7.76
CA GLU B 208 -5.19 24.09 9.01
C GLU B 208 -6.68 24.33 8.80
N GLN B 209 -7.09 24.44 7.54
CA GLN B 209 -8.51 24.61 7.25
C GLN B 209 -9.13 23.22 7.18
N ARG B 210 -8.40 22.28 6.58
CA ARG B 210 -8.87 20.89 6.46
C ARG B 210 -8.91 20.18 7.81
N ALA B 211 -8.04 20.58 8.72
CA ALA B 211 -8.02 19.97 10.05
C ALA B 211 -9.27 20.44 10.78
N VAL B 212 -9.59 21.72 10.63
CA VAL B 212 -10.77 22.28 11.28
C VAL B 212 -12.02 21.57 10.78
N ASP B 213 -12.05 21.22 9.49
CA ASP B 213 -13.21 20.53 8.94
C ASP B 213 -13.33 19.17 9.62
N LEU B 214 -12.18 18.54 9.89
CA LEU B 214 -12.15 17.24 10.54
C LEU B 214 -12.36 17.36 12.05
N GLY B 215 -12.77 18.54 12.50
CA GLY B 215 -13.01 18.77 13.92
C GLY B 215 -11.70 18.64 14.67
N MET B 216 -10.72 19.45 14.29
CA MET B 216 -9.40 19.42 14.89
C MET B 216 -8.80 20.82 14.96
N LYS B 217 -8.06 21.07 16.04
CA LYS B 217 -7.41 22.36 16.25
C LYS B 217 -5.93 22.16 15.87
N LEU B 218 -5.42 22.96 14.94
CA LEU B 218 -4.03 22.81 14.50
C LEU B 218 -3.11 23.97 14.88
N GLU B 219 -1.97 23.63 15.47
CA GLU B 219 -1.00 24.61 15.88
C GLU B 219 0.36 24.31 15.22
N TRP B 220 0.87 25.26 14.45
CA TRP B 220 2.14 25.06 13.75
C TRP B 220 3.37 25.11 14.64
N THR B 221 4.01 23.96 14.81
CA THR B 221 5.20 23.89 15.65
C THR B 221 6.32 24.70 15.02
N GLU B 222 7.32 25.00 15.83
CA GLU B 222 8.46 25.80 15.41
C GLU B 222 9.44 25.04 14.51
N ASP B 223 9.44 23.72 14.62
CA ASP B 223 10.35 22.88 13.84
C ASP B 223 9.82 22.49 12.46
N GLY B 224 8.78 23.19 12.00
CA GLY B 224 8.23 22.89 10.68
C GLY B 224 7.10 21.88 10.69
N GLY B 225 6.82 21.32 11.86
CA GLY B 225 5.75 20.34 11.97
C GLY B 225 4.41 20.95 12.33
N ALA B 226 3.61 20.21 13.08
CA ALA B 226 2.30 20.67 13.50
C ALA B 226 1.80 19.86 14.69
N LYS B 227 0.98 20.49 15.52
CA LYS B 227 0.42 19.84 16.69
C LYS B 227 -1.09 19.95 16.58
N THR B 228 -1.79 18.82 16.65
CA THR B 228 -3.24 18.83 16.55
C THR B 228 -3.89 18.41 17.87
N VAL B 229 -5.02 19.05 18.17
CA VAL B 229 -5.76 18.75 19.38
C VAL B 229 -7.24 18.55 19.04
N MET B 230 -7.69 17.30 19.17
CA MET B 230 -9.08 16.96 18.87
C MET B 230 -9.87 16.81 20.16
N GLY B 231 -11.03 17.46 20.21
CA GLY B 231 -11.87 17.36 21.38
C GLY B 231 -12.22 18.69 22.03
N PRO B 232 -12.93 18.65 23.14
CA PRO B 232 -13.39 17.41 23.78
C PRO B 232 -14.43 16.63 22.96
N ILE B 233 -14.31 15.30 22.98
CA ILE B 233 -15.24 14.43 22.30
C ILE B 233 -15.64 13.35 23.31
N PRO B 234 -16.82 12.75 23.15
CA PRO B 234 -17.28 11.73 24.08
C PRO B 234 -16.38 10.51 24.16
N ALA B 235 -16.44 9.83 25.31
CA ALA B 235 -15.67 8.61 25.54
C ALA B 235 -16.65 7.46 25.57
N ILE B 236 -17.92 7.80 25.79
CA ILE B 236 -18.98 6.81 25.89
C ILE B 236 -20.13 7.12 24.94
N LYS B 237 -20.51 6.12 24.13
CA LYS B 237 -21.60 6.32 23.19
C LYS B 237 -22.76 5.38 23.47
N TYR B 238 -23.85 5.56 22.73
CA TYR B 238 -25.03 4.73 22.92
C TYR B 238 -25.35 3.91 21.69
N ASP B 239 -25.48 2.60 21.85
CA ASP B 239 -25.81 1.68 20.76
C ASP B 239 -27.33 1.69 20.67
N GLU B 240 -27.89 2.47 19.75
CA GLU B 240 -29.33 2.55 19.61
C GLU B 240 -29.98 1.19 19.34
N SER B 241 -29.37 0.38 18.47
CA SER B 241 -29.93 -0.92 18.12
C SER B 241 -30.02 -1.90 19.29
N ARG B 242 -29.17 -1.71 20.30
CA ARG B 242 -29.15 -2.62 21.44
C ARG B 242 -29.45 -1.95 22.77
N ASN B 243 -29.84 -0.67 22.73
CA ASN B 243 -30.17 0.07 23.95
C ASN B 243 -29.14 -0.06 25.07
N ARG B 244 -27.87 0.17 24.76
CA ARG B 244 -26.85 0.09 25.80
C ARG B 244 -25.67 1.00 25.49
N LYS B 245 -24.95 1.38 26.53
CA LYS B 245 -23.80 2.25 26.35
C LYS B 245 -22.54 1.44 26.06
N VAL B 246 -21.69 1.97 25.18
CA VAL B 246 -20.47 1.28 24.80
C VAL B 246 -19.22 2.12 25.05
N TRP B 247 -18.10 1.44 25.28
CA TRP B 247 -16.81 2.08 25.52
C TRP B 247 -16.23 2.44 24.16
N PHE B 248 -16.86 3.40 23.48
CA PHE B 248 -16.41 3.82 22.15
C PHE B 248 -15.38 4.95 22.21
N ASN B 249 -14.12 4.59 22.43
CA ASN B 249 -13.05 5.57 22.51
C ASN B 249 -11.70 4.91 22.33
N SER B 250 -10.70 5.71 21.97
CA SER B 250 -9.35 5.20 21.77
C SER B 250 -8.46 5.56 22.94
N MET B 251 -9.03 5.56 24.14
CA MET B 251 -8.26 5.92 25.32
C MET B 251 -7.05 5.00 25.54
N VAL B 252 -7.29 3.72 25.78
CA VAL B 252 -6.20 2.78 26.01
C VAL B 252 -5.27 2.72 24.80
N ALA B 253 -5.86 2.74 23.61
CA ALA B 253 -5.08 2.69 22.38
C ALA B 253 -4.05 3.80 22.29
N ALA B 254 -4.47 5.03 22.60
CA ALA B 254 -3.57 6.18 22.54
C ALA B 254 -2.62 6.25 23.72
N TYR B 255 -3.15 5.99 24.90
CA TYR B 255 -2.35 6.06 26.11
C TYR B 255 -1.20 5.06 26.15
N THR B 256 -1.36 3.92 25.47
CA THR B 256 -0.32 2.92 25.47
C THR B 256 0.30 2.68 24.11
N GLY B 257 -0.35 3.16 23.05
CA GLY B 257 0.17 2.90 21.72
C GLY B 257 0.59 4.05 20.82
N TRP B 258 0.38 5.29 21.24
CA TRP B 258 0.78 6.41 20.40
C TRP B 258 2.12 7.02 20.81
N GLU B 259 3.19 6.26 20.62
CA GLU B 259 4.52 6.72 20.99
C GLU B 259 5.52 6.71 19.84
N ASP B 260 6.25 7.82 19.73
CA ASP B 260 7.31 7.97 18.74
C ASP B 260 8.23 9.08 19.25
N LYS B 261 9.13 9.59 18.41
CA LYS B 261 10.04 10.62 18.86
C LYS B 261 9.37 11.95 19.22
N ARG B 262 8.26 12.25 18.55
CA ARG B 262 7.52 13.49 18.78
C ARG B 262 6.39 13.39 19.80
N ASN B 263 5.84 12.18 19.95
CA ASN B 263 4.70 11.98 20.83
C ASN B 263 4.91 11.09 22.05
N ASP B 264 4.45 11.59 23.20
CA ASP B 264 4.49 10.88 24.47
C ASP B 264 3.05 10.39 24.72
N PRO B 265 2.83 9.07 24.69
CA PRO B 265 1.52 8.44 24.91
C PRO B 265 0.73 8.87 26.14
N ARG B 266 1.38 9.57 27.07
CA ARG B 266 0.72 9.98 28.29
C ARG B 266 0.03 11.33 28.22
N LYS B 267 0.33 12.03 27.14
CA LYS B 267 -0.24 13.33 26.85
C LYS B 267 -0.96 13.26 25.51
N ALA B 268 -0.94 12.07 24.93
CA ALA B 268 -1.58 11.84 23.65
C ALA B 268 -3.09 11.88 23.87
N VAL B 269 -3.53 11.53 25.07
CA VAL B 269 -4.97 11.54 25.39
C VAL B 269 -5.11 11.99 26.83
N THR B 270 -6.05 12.90 27.09
CA THR B 270 -6.30 13.40 28.43
C THR B 270 -7.79 13.61 28.55
N PHE B 271 -8.26 14.04 29.72
CA PHE B 271 -9.67 14.35 29.90
C PHE B 271 -9.98 15.52 28.96
N GLY B 272 -11.24 15.68 28.57
CA GLY B 272 -11.61 16.75 27.67
C GLY B 272 -11.26 18.15 28.14
N ASP B 273 -11.01 18.29 29.43
CA ASP B 273 -10.65 19.59 29.99
C ASP B 273 -9.15 19.71 30.25
N GLY B 274 -8.35 18.88 29.58
CA GLY B 274 -6.92 18.95 29.75
C GLY B 274 -6.32 18.17 30.90
N LYS B 275 -7.11 17.88 31.92
CA LYS B 275 -6.63 17.14 33.08
C LYS B 275 -6.14 15.73 32.70
N PRO B 276 -4.96 15.33 33.18
CA PRO B 276 -4.39 14.02 32.88
C PRO B 276 -5.25 12.87 33.40
N LEU B 277 -5.12 11.72 32.77
CA LEU B 277 -5.87 10.52 33.16
C LEU B 277 -5.05 9.74 34.19
N PRO B 278 -5.72 9.11 35.16
CA PRO B 278 -4.98 8.35 36.17
C PRO B 278 -4.37 7.09 35.54
N ALA B 279 -3.04 6.99 35.59
CA ALA B 279 -2.34 5.85 35.03
C ALA B 279 -2.88 4.51 35.54
N ASP B 280 -3.18 4.41 36.83
CA ASP B 280 -3.72 3.19 37.42
C ASP B 280 -5.01 2.73 36.78
N ILE B 281 -5.92 3.68 36.59
CA ILE B 281 -7.22 3.36 36.03
C ILE B 281 -7.15 3.01 34.55
N VAL B 282 -6.24 3.64 33.83
CA VAL B 282 -6.12 3.33 32.41
C VAL B 282 -5.59 1.89 32.25
N HIS B 283 -4.57 1.56 33.02
CA HIS B 283 -4.00 0.22 32.94
C HIS B 283 -4.97 -0.80 33.49
N ASP B 284 -5.92 -0.32 34.28
CA ASP B 284 -6.94 -1.20 34.84
C ASP B 284 -7.93 -1.52 33.73
N CYS B 285 -8.12 -0.55 32.84
CA CYS B 285 -9.03 -0.70 31.71
C CYS B 285 -8.38 -1.66 30.73
N LEU B 286 -7.06 -1.52 30.57
CA LEU B 286 -6.31 -2.39 29.68
C LEU B 286 -6.48 -3.83 30.16
N ARG B 287 -6.44 -4.00 31.48
CA ARG B 287 -6.60 -5.30 32.11
C ARG B 287 -7.97 -5.89 31.76
N ILE B 288 -9.02 -5.09 31.90
CA ILE B 288 -10.37 -5.53 31.60
C ILE B 288 -10.52 -5.98 30.14
N LEU B 289 -9.95 -5.21 29.23
CA LEU B 289 -10.01 -5.55 27.81
C LEU B 289 -9.43 -6.94 27.52
N GLU B 290 -8.29 -7.23 28.15
CA GLU B 290 -7.60 -8.52 27.96
C GLU B 290 -8.37 -9.68 28.57
N GLU B 291 -8.96 -9.47 29.73
CA GLU B 291 -9.72 -10.53 30.38
C GLU B 291 -10.99 -10.86 29.62
N GLU B 292 -11.68 -9.83 29.12
CA GLU B 292 -12.93 -10.04 28.41
C GLU B 292 -12.79 -10.43 26.94
N CYS B 293 -11.61 -10.22 26.37
CA CYS B 293 -11.43 -10.52 24.96
C CYS B 293 -11.42 -12.00 24.61
N VAL B 294 -11.65 -12.26 23.32
CA VAL B 294 -11.69 -13.60 22.75
C VAL B 294 -10.71 -13.58 21.57
N ALA B 295 -9.70 -14.43 21.63
CA ALA B 295 -8.70 -14.51 20.56
C ALA B 295 -8.78 -15.85 19.85
N VAL B 296 -9.52 -15.88 18.75
CA VAL B 296 -9.69 -17.09 17.98
C VAL B 296 -8.59 -17.25 16.95
N PRO B 297 -7.86 -18.38 17.01
CA PRO B 297 -6.78 -18.59 16.02
C PRO B 297 -7.33 -18.66 14.61
N TRP B 298 -6.77 -17.85 13.73
CA TRP B 298 -7.20 -17.76 12.34
C TRP B 298 -6.99 -19.04 11.53
N GLN B 299 -7.97 -19.36 10.69
CA GLN B 299 -7.88 -20.53 9.82
C GLN B 299 -8.13 -20.03 8.40
N ARG B 300 -7.40 -20.56 7.43
CA ARG B 300 -7.60 -20.13 6.04
C ARG B 300 -9.07 -20.30 5.67
N GLY B 301 -9.66 -19.28 5.06
CA GLY B 301 -11.06 -19.34 4.67
C GLY B 301 -11.99 -18.67 5.66
N ASP B 302 -11.51 -18.42 6.88
CA ASP B 302 -12.30 -17.77 7.91
C ASP B 302 -12.76 -16.38 7.50
N VAL B 303 -13.99 -16.04 7.87
CA VAL B 303 -14.55 -14.72 7.61
C VAL B 303 -15.15 -14.26 8.92
N LEU B 304 -14.71 -13.10 9.40
CA LEU B 304 -15.24 -12.59 10.65
C LEU B 304 -16.02 -11.30 10.40
N LEU B 305 -17.29 -11.30 10.77
CA LEU B 305 -18.13 -10.12 10.61
C LEU B 305 -18.23 -9.47 11.99
N ILE B 306 -17.88 -8.20 12.04
CA ILE B 306 -17.88 -7.47 13.29
C ILE B 306 -18.79 -6.25 13.24
N ASP B 307 -19.60 -6.07 14.29
CA ASP B 307 -20.45 -4.88 14.37
C ASP B 307 -19.57 -3.86 15.10
N ASN B 308 -19.13 -2.83 14.40
CA ASN B 308 -18.26 -1.83 15.00
C ASN B 308 -18.87 -1.02 16.16
N TRP B 309 -20.17 -1.17 16.41
CA TRP B 309 -20.81 -0.47 17.52
C TRP B 309 -20.70 -1.27 18.81
N ALA B 310 -20.46 -2.56 18.69
CA ALA B 310 -20.40 -3.41 19.87
C ALA B 310 -19.05 -4.07 20.15
N VAL B 311 -18.11 -3.96 19.23
CA VAL B 311 -16.83 -4.65 19.40
C VAL B 311 -15.55 -3.87 19.09
N LEU B 312 -14.52 -4.05 19.93
CA LEU B 312 -13.23 -3.43 19.67
C LEU B 312 -12.33 -4.58 19.28
N HIS B 313 -11.41 -4.36 18.35
CA HIS B 313 -10.52 -5.42 17.93
C HIS B 313 -9.05 -5.02 18.08
N SER B 314 -8.16 -5.99 17.87
CA SER B 314 -6.73 -5.75 17.99
C SER B 314 -5.97 -6.80 17.18
N ARG B 315 -4.66 -6.90 17.43
CA ARG B 315 -3.85 -7.89 16.77
C ARG B 315 -2.68 -8.32 17.63
N ARG B 316 -2.48 -9.63 17.69
CA ARG B 316 -1.40 -10.23 18.46
C ARG B 316 -0.15 -10.25 17.60
N PRO B 317 1.03 -10.32 18.24
CA PRO B 317 2.26 -10.36 17.43
C PRO B 317 2.21 -11.69 16.66
N PHE B 318 3.02 -11.84 15.63
CA PHE B 318 3.01 -13.09 14.88
C PHE B 318 4.29 -13.31 14.09
N ASP B 319 4.43 -14.50 13.53
CA ASP B 319 5.57 -14.84 12.70
C ASP B 319 4.99 -14.98 11.29
N PRO B 320 5.55 -14.26 10.32
CA PRO B 320 5.02 -14.38 8.97
C PRO B 320 5.26 -15.81 8.47
N PRO B 321 4.52 -16.24 7.45
CA PRO B 321 3.49 -15.50 6.73
C PRO B 321 2.15 -15.32 7.47
N ARG B 322 1.38 -14.37 6.98
CA ARG B 322 0.06 -14.05 7.50
C ARG B 322 -0.57 -13.07 6.55
N ARG B 323 -1.82 -13.33 6.22
CA ARG B 323 -2.54 -12.44 5.33
C ARG B 323 -4.01 -12.39 5.68
N VAL B 324 -4.45 -11.24 6.14
CA VAL B 324 -5.84 -11.03 6.49
C VAL B 324 -6.33 -9.79 5.74
N LEU B 325 -7.33 -9.97 4.90
CA LEU B 325 -7.90 -8.87 4.13
C LEU B 325 -9.07 -8.29 4.93
N ALA B 326 -9.54 -7.11 4.52
CA ALA B 326 -10.64 -6.45 5.21
C ALA B 326 -11.62 -5.78 4.27
N SER B 327 -12.77 -5.38 4.83
CA SER B 327 -13.82 -4.71 4.08
C SER B 327 -14.64 -3.88 5.08
N LEU B 328 -14.93 -2.62 4.74
CA LEU B 328 -15.69 -1.75 5.65
C LEU B 328 -17.09 -1.39 5.14
N CYS B 329 -18.06 -1.36 6.06
CA CYS B 329 -19.44 -1.06 5.72
C CYS B 329 -19.97 0.24 6.33
N LYS B 330 -20.77 0.97 5.55
CA LYS B 330 -21.34 2.24 5.98
C LYS B 330 -22.07 2.08 7.31
S SO4 C . 4.15 5.18 -13.64
O1 SO4 C . 5.31 6.03 -13.26
O2 SO4 C . 3.02 5.39 -12.72
O3 SO4 C . 3.75 5.55 -15.00
O4 SO4 C . 4.56 3.77 -13.61
S SO4 D . 19.74 15.82 -34.60
O1 SO4 D . 20.55 17.05 -34.51
O2 SO4 D . 18.36 16.17 -34.99
O3 SO4 D . 20.32 14.92 -35.61
O4 SO4 D . 19.72 15.16 -33.28
S SO4 E . 30.81 16.37 -28.79
O1 SO4 E . 31.94 17.28 -28.58
O2 SO4 E . 29.60 17.16 -29.16
O3 SO4 E . 31.13 15.43 -29.87
O4 SO4 E . 30.53 15.64 -27.54
FE FE2 F . 10.04 3.94 -12.36
S SO4 G . -13.05 5.69 41.02
O1 SO4 G . -12.47 6.70 41.94
O2 SO4 G . -12.85 6.12 39.63
O3 SO4 G . -12.37 4.40 41.24
O4 SO4 G . -14.50 5.55 41.30
FE FE2 H . -8.39 -1.76 13.06
#